data_3NZR
#
_entry.id   3NZR
#
_cell.length_a   56.752
_cell.length_b   136.451
_cell.length_c   62.295
_cell.angle_alpha   90.00
_cell.angle_beta   101.38
_cell.angle_gamma   90.00
#
_symmetry.space_group_name_H-M   'P 1 21 1'
#
loop_
_entity.id
_entity.type
_entity.pdbx_description
1 polymer '2-dehydro-3-deoxyphosphogluconate aldolase'
2 non-polymer 'MAGNESIUM ION'
3 water water
#
_entity_poly.entity_id   1
_entity_poly.type   'polypeptide(L)'
_entity_poly.pdbx_seq_one_letter_code
;SNASLKANFYKNRVCLNVLAGSVDNAADIYDAAEGHVLVGVLSKNYPDVDTAVED(MSE)KKYSEVTNNAVSVGLGAGDP
NQS(MSE)(MSE)VSLISQHVQPQHINQVFTGVATSRALAGQDKSIVNGLISPTGTVG(MSE)VKISTGPLSSRSEDAIV
PVETAIA(MSE)LKD(MSE)GGSSVKYFP(MSE)GGLETREEFACVAKACADKDFWLEPTGGIDLENYEEI(MSE)QIAL
DAGVSKIIPHIYSSIIDKATGNTRPEDVKTLLD(MSE)TKKLLL
;
_entity_poly.pdbx_strand_id   A,B,C,D
#
loop_
_chem_comp.id
_chem_comp.type
_chem_comp.name
_chem_comp.formula
MG non-polymer 'MAGNESIUM ION' 'Mg 2'
#
# COMPACT_ATOMS: atom_id res chain seq x y z
N SER A 4 -23.78 -17.58 -17.43
CA SER A 4 -24.97 -16.89 -16.80
C SER A 4 -24.64 -15.63 -15.89
N LEU A 5 -24.76 -14.46 -16.46
CA LEU A 5 -24.02 -13.31 -16.03
C LEU A 5 -24.84 -12.21 -15.42
N LYS A 6 -26.11 -12.50 -15.22
CA LYS A 6 -27.02 -11.47 -14.72
C LYS A 6 -27.43 -11.73 -13.26
N ALA A 7 -27.15 -10.81 -12.35
CA ALA A 7 -27.48 -11.03 -10.97
C ALA A 7 -28.99 -11.03 -10.80
N ASN A 8 -29.48 -11.84 -9.87
CA ASN A 8 -30.89 -12.00 -9.73
C ASN A 8 -31.47 -11.06 -8.67
N PHE A 9 -31.81 -9.86 -9.07
CA PHE A 9 -32.32 -8.88 -8.14
C PHE A 9 -33.74 -9.15 -7.77
N TYR A 10 -34.01 -9.22 -6.47
CA TYR A 10 -35.36 -9.30 -5.94
C TYR A 10 -36.23 -8.10 -6.34
N LYS A 11 -37.33 -8.31 -7.06
CA LYS A 11 -38.21 -7.19 -7.50
C LYS A 11 -37.38 -6.22 -8.37
N ASN A 12 -36.38 -6.76 -9.03
CA ASN A 12 -35.46 -5.99 -9.86
C ASN A 12 -34.81 -4.81 -9.13
N ARG A 13 -34.63 -4.94 -7.80
CA ARG A 13 -34.23 -3.84 -6.96
C ARG A 13 -33.03 -4.13 -6.02
N VAL A 14 -33.07 -5.23 -5.29
CA VAL A 14 -32.07 -5.54 -4.24
C VAL A 14 -31.51 -6.95 -4.48
N CYS A 15 -30.20 -7.09 -4.52
CA CYS A 15 -29.54 -8.37 -4.44
C CYS A 15 -28.49 -8.36 -3.26
N LEU A 16 -28.63 -9.27 -2.31
CA LEU A 16 -27.74 -9.37 -1.15
C LEU A 16 -26.32 -9.87 -1.55
N ASN A 17 -25.30 -9.40 -0.87
CA ASN A 17 -23.95 -9.86 -1.13
C ASN A 17 -23.38 -10.22 0.24
N VAL A 18 -23.04 -11.49 0.38
CA VAL A 18 -22.62 -12.10 1.62
C VAL A 18 -21.47 -13.07 1.24
N LEU A 19 -20.59 -13.32 2.20
CA LEU A 19 -19.48 -14.17 2.03
C LEU A 19 -19.90 -15.61 2.24
N ALA A 20 -19.19 -16.54 1.59
CA ALA A 20 -19.38 -17.99 1.79
C ALA A 20 -18.13 -18.57 2.41
N GLY A 21 -18.32 -19.35 3.48
CA GLY A 21 -17.29 -20.06 4.18
C GLY A 21 -16.85 -21.36 3.53
N SER A 22 -17.64 -21.87 2.62
CA SER A 22 -17.32 -23.14 1.93
C SER A 22 -18.33 -23.28 0.81
N VAL A 23 -18.01 -24.16 -0.12
CA VAL A 23 -18.93 -24.46 -1.20
C VAL A 23 -20.30 -24.88 -0.67
N ASP A 24 -20.33 -25.62 0.43
CA ASP A 24 -21.59 -26.14 0.99
C ASP A 24 -22.40 -24.98 1.63
N ASN A 25 -21.65 -24.09 2.26
CA ASN A 25 -22.25 -22.89 2.83
C ASN A 25 -22.90 -22.09 1.71
N ALA A 26 -22.18 -21.95 0.60
CA ALA A 26 -22.70 -21.23 -0.57
C ALA A 26 -24.06 -21.78 -1.08
N ALA A 27 -24.15 -23.10 -1.23
CA ALA A 27 -25.43 -23.78 -1.55
C ALA A 27 -26.54 -23.38 -0.59
N ASP A 28 -26.24 -23.44 0.73
CA ASP A 28 -27.24 -23.10 1.75
C ASP A 28 -27.63 -21.64 1.66
N ILE A 29 -26.65 -20.77 1.39
CA ILE A 29 -26.92 -19.34 1.31
C ILE A 29 -27.82 -19.06 0.13
N TYR A 30 -27.53 -19.69 -0.99
CA TYR A 30 -28.31 -19.50 -2.24
C TYR A 30 -29.79 -19.93 -2.05
N ASP A 31 -30.00 -21.08 -1.44
CA ASP A 31 -31.37 -21.54 -1.10
C ASP A 31 -32.08 -20.58 -0.13
N ALA A 32 -31.38 -20.16 0.92
CA ALA A 32 -31.97 -19.29 1.91
C ALA A 32 -32.42 -17.92 1.34
N ALA A 33 -31.68 -17.38 0.40
CA ALA A 33 -32.03 -16.12 -0.21
C ALA A 33 -32.96 -16.33 -1.43
N GLU A 34 -33.43 -17.56 -1.67
CA GLU A 34 -34.26 -17.86 -2.89
C GLU A 34 -33.56 -17.28 -4.14
N GLY A 35 -32.22 -17.34 -4.15
CA GLY A 35 -31.43 -16.94 -5.33
C GLY A 35 -31.10 -15.48 -5.44
N HIS A 36 -31.68 -14.59 -4.63
CA HIS A 36 -31.47 -13.18 -4.70
C HIS A 36 -30.24 -12.80 -3.88
N VAL A 37 -29.10 -13.31 -4.30
CA VAL A 37 -27.84 -13.15 -3.53
C VAL A 37 -26.65 -13.30 -4.46
N LEU A 38 -25.51 -12.75 -4.07
CA LEU A 38 -24.25 -13.05 -4.66
C LEU A 38 -23.38 -13.50 -3.55
N VAL A 39 -22.60 -14.57 -3.74
CA VAL A 39 -21.79 -15.13 -2.72
C VAL A 39 -20.31 -14.76 -2.96
N GLY A 40 -19.73 -14.09 -1.97
CA GLY A 40 -18.39 -13.52 -2.12
C GLY A 40 -17.31 -14.55 -1.78
N VAL A 41 -16.33 -14.67 -2.69
CA VAL A 41 -15.18 -15.50 -2.56
C VAL A 41 -13.99 -14.56 -2.73
N LEU A 42 -13.02 -14.62 -1.82
CA LEU A 42 -11.94 -13.63 -1.74
C LEU A 42 -10.59 -14.08 -2.33
N SER A 43 -10.08 -13.26 -3.25
CA SER A 43 -8.82 -13.52 -3.96
C SER A 43 -7.68 -13.75 -2.98
N LYS A 44 -7.67 -13.03 -1.88
CA LYS A 44 -6.57 -13.13 -0.92
C LYS A 44 -6.47 -14.49 -0.23
N ASN A 45 -7.52 -15.28 -0.31
CA ASN A 45 -7.55 -16.56 0.35
C ASN A 45 -6.92 -17.66 -0.49
N TYR A 46 -6.27 -17.26 -1.58
CA TYR A 46 -5.70 -18.19 -2.51
C TYR A 46 -4.31 -17.73 -2.90
N PRO A 47 -3.44 -18.67 -3.21
CA PRO A 47 -2.05 -18.44 -3.53
C PRO A 47 -1.74 -17.91 -4.91
N ASP A 48 -2.59 -18.22 -5.87
CA ASP A 48 -2.42 -17.72 -7.21
C ASP A 48 -3.72 -17.70 -8.01
N VAL A 49 -3.67 -17.16 -9.20
CA VAL A 49 -4.87 -16.97 -10.03
C VAL A 49 -5.51 -18.32 -10.33
N ASP A 50 -4.71 -19.30 -10.74
CA ASP A 50 -5.28 -20.55 -11.21
C ASP A 50 -5.95 -21.35 -10.10
N THR A 51 -5.34 -21.35 -8.93
CA THR A 51 -5.91 -21.98 -7.74
C THR A 51 -7.24 -21.34 -7.35
N ALA A 52 -7.32 -20.02 -7.40
CA ALA A 52 -8.59 -19.30 -7.13
C ALA A 52 -9.64 -19.59 -8.26
N VAL A 53 -9.22 -19.63 -9.51
CA VAL A 53 -10.17 -19.84 -10.57
C VAL A 53 -10.83 -21.23 -10.44
N GLU A 54 -10.02 -22.25 -10.15
CA GLU A 54 -10.55 -23.65 -9.97
C GLU A 54 -11.54 -23.75 -8.84
N ASP A 55 -11.23 -23.13 -7.71
CA ASP A 55 -12.16 -23.15 -6.57
C ASP A 55 -13.41 -22.36 -6.92
N MSE A 56 -13.22 -21.15 -7.42
CA MSE A 56 -14.40 -20.36 -7.70
C MSE A 56 -15.39 -21.00 -8.65
O MSE A 56 -16.57 -20.79 -8.50
CB MSE A 56 -14.03 -18.95 -8.13
CG MSE A 56 -13.73 -18.18 -6.89
SE MSE A 56 -13.13 -16.43 -7.36
CE MSE A 56 -12.05 -15.97 -5.75
N LYS A 57 -14.92 -21.85 -9.56
CA LYS A 57 -15.83 -22.58 -10.40
C LYS A 57 -16.76 -23.48 -9.60
N LYS A 58 -16.28 -24.06 -8.53
CA LYS A 58 -17.17 -24.90 -7.70
C LYS A 58 -18.23 -24.09 -7.01
N TYR A 59 -17.91 -22.87 -6.63
CA TYR A 59 -18.95 -22.04 -6.03
C TYR A 59 -19.98 -21.64 -7.11
N SER A 60 -19.50 -21.35 -8.32
CA SER A 60 -20.40 -21.01 -9.41
C SER A 60 -21.44 -22.18 -9.68
N GLU A 61 -21.00 -23.41 -9.58
CA GLU A 61 -21.88 -24.57 -9.82
C GLU A 61 -23.07 -24.66 -8.90
N VAL A 62 -22.88 -24.33 -7.64
CA VAL A 62 -23.95 -24.48 -6.65
C VAL A 62 -24.77 -23.23 -6.49
N THR A 63 -24.47 -22.19 -7.26
CA THR A 63 -25.14 -20.92 -7.11
C THR A 63 -25.60 -20.32 -8.44
N ASN A 64 -25.62 -21.11 -9.50
CA ASN A 64 -25.96 -20.63 -10.86
C ASN A 64 -25.17 -19.41 -11.22
N ASN A 65 -23.89 -19.49 -10.90
CA ASN A 65 -22.89 -18.42 -11.15
C ASN A 65 -23.08 -17.10 -10.38
N ALA A 66 -23.86 -17.14 -9.28
CA ALA A 66 -24.06 -15.96 -8.47
C ALA A 66 -22.84 -15.79 -7.55
N VAL A 67 -21.69 -15.49 -8.14
CA VAL A 67 -20.49 -15.39 -7.36
C VAL A 67 -19.96 -13.96 -7.48
N SER A 68 -19.34 -13.47 -6.41
CA SER A 68 -18.75 -12.16 -6.38
C SER A 68 -17.30 -12.31 -6.08
N VAL A 69 -16.41 -11.93 -6.98
CA VAL A 69 -14.98 -12.07 -6.74
C VAL A 69 -14.57 -10.82 -5.96
N GLY A 70 -13.93 -11.05 -4.80
CA GLY A 70 -13.51 -10.04 -3.90
C GLY A 70 -12.05 -9.90 -3.76
N LEU A 71 -11.66 -8.74 -3.28
CA LEU A 71 -10.27 -8.46 -3.02
C LEU A 71 -9.82 -9.20 -1.75
N GLY A 72 -10.42 -8.84 -0.67
CA GLY A 72 -10.11 -9.48 0.63
C GLY A 72 -9.37 -8.53 1.56
N ALA A 73 -9.87 -8.38 2.76
CA ALA A 73 -9.15 -7.67 3.82
C ALA A 73 -9.03 -6.18 3.42
N GLY A 74 -9.83 -5.73 2.44
CA GLY A 74 -9.74 -4.34 1.97
C GLY A 74 -8.38 -3.99 1.35
N ASP A 75 -7.70 -5.00 0.74
CA ASP A 75 -6.40 -4.81 0.26
C ASP A 75 -6.38 -4.41 -1.25
N PRO A 76 -5.97 -3.18 -1.58
CA PRO A 76 -5.94 -2.81 -3.00
C PRO A 76 -4.90 -3.57 -3.79
N ASN A 77 -3.88 -4.14 -3.15
CA ASN A 77 -2.93 -4.93 -3.89
C ASN A 77 -3.45 -6.26 -4.43
N GLN A 78 -4.73 -6.56 -4.20
CA GLN A 78 -5.35 -7.71 -4.80
C GLN A 78 -6.03 -7.34 -6.12
N SER A 79 -5.96 -6.04 -6.53
CA SER A 79 -6.76 -5.57 -7.69
C SER A 79 -6.46 -6.33 -8.96
N MSE A 80 -5.17 -6.45 -9.31
CA MSE A 80 -4.88 -7.12 -10.57
C MSE A 80 -5.29 -8.59 -10.53
O MSE A 80 -5.77 -9.16 -11.50
CB MSE A 80 -3.45 -6.95 -10.99
CG MSE A 80 -3.13 -7.59 -12.32
SE MSE A 80 -4.25 -7.00 -13.92
CE MSE A 80 -3.29 -5.23 -14.25
N MSE A 81 -5.11 -9.23 -9.38
CA MSE A 81 -5.48 -10.60 -9.28
C MSE A 81 -6.95 -10.80 -9.45
O MSE A 81 -7.39 -11.74 -10.07
CB MSE A 81 -5.02 -11.18 -7.95
CG MSE A 81 -5.03 -12.70 -7.91
SE MSE A 81 -4.39 -13.36 -6.17
CE MSE A 81 -2.41 -13.27 -6.52
N VAL A 82 -7.77 -9.87 -8.90
CA VAL A 82 -9.18 -9.95 -9.11
C VAL A 82 -9.54 -9.81 -10.56
N SER A 83 -8.89 -8.93 -11.35
CA SER A 83 -9.17 -8.76 -12.68
C SER A 83 -8.81 -10.02 -13.43
N LEU A 84 -7.63 -10.59 -13.19
CA LEU A 84 -7.19 -11.80 -13.94
C LEU A 84 -8.08 -12.99 -13.56
N ILE A 85 -8.39 -13.15 -12.29
CA ILE A 85 -9.38 -14.20 -11.89
C ILE A 85 -10.74 -14.05 -12.58
N SER A 86 -11.31 -12.86 -12.58
CA SER A 86 -12.61 -12.63 -13.15
C SER A 86 -12.63 -12.88 -14.66
N GLN A 87 -11.54 -12.54 -15.34
CA GLN A 87 -11.39 -12.86 -16.74
C GLN A 87 -11.78 -14.34 -16.97
N HIS A 88 -11.24 -15.25 -16.18
CA HIS A 88 -11.47 -16.70 -16.37
C HIS A 88 -12.72 -17.20 -15.70
N VAL A 89 -13.07 -16.64 -14.55
CA VAL A 89 -14.30 -17.07 -13.85
C VAL A 89 -15.61 -16.55 -14.52
N GLN A 90 -15.60 -15.36 -15.12
CA GLN A 90 -16.83 -14.75 -15.69
C GLN A 90 -17.96 -14.79 -14.64
N PRO A 91 -17.75 -14.14 -13.49
CA PRO A 91 -18.79 -14.08 -12.46
C PRO A 91 -19.86 -13.05 -12.72
N GLN A 92 -20.94 -13.11 -11.94
CA GLN A 92 -21.94 -12.07 -11.98
C GLN A 92 -21.42 -10.76 -11.42
N HIS A 93 -20.46 -10.79 -10.49
CA HIS A 93 -20.08 -9.58 -9.73
C HIS A 93 -18.61 -9.55 -9.43
N ILE A 94 -17.97 -8.40 -9.67
CA ILE A 94 -16.58 -8.18 -9.41
C ILE A 94 -16.39 -6.97 -8.49
N ASN A 95 -15.58 -7.06 -7.44
CA ASN A 95 -15.31 -5.94 -6.56
C ASN A 95 -14.04 -5.34 -7.02
N GLN A 96 -13.98 -4.03 -7.16
CA GLN A 96 -12.77 -3.38 -7.58
C GLN A 96 -12.51 -2.12 -6.83
N VAL A 97 -11.24 -1.79 -6.75
CA VAL A 97 -10.85 -0.42 -6.33
C VAL A 97 -10.96 0.50 -7.54
N PHE A 98 -10.96 1.79 -7.28
CA PHE A 98 -11.25 2.79 -8.34
C PHE A 98 -10.36 2.58 -9.55
N THR A 99 -9.08 2.37 -9.36
CA THR A 99 -8.15 2.21 -10.44
C THR A 99 -8.17 0.88 -11.16
N GLY A 100 -8.99 -0.06 -10.72
CA GLY A 100 -9.05 -1.37 -11.29
C GLY A 100 -10.37 -1.61 -12.02
N VAL A 101 -11.35 -0.68 -11.96
CA VAL A 101 -12.62 -0.86 -12.63
C VAL A 101 -12.52 -1.13 -14.12
N ALA A 102 -11.73 -0.29 -14.82
CA ALA A 102 -11.63 -0.39 -16.24
C ALA A 102 -10.92 -1.66 -16.65
N THR A 103 -9.84 -1.99 -15.93
CA THR A 103 -9.14 -3.19 -16.23
C THR A 103 -10.02 -4.44 -16.11
N SER A 104 -10.76 -4.55 -15.03
CA SER A 104 -11.68 -5.65 -14.86
C SER A 104 -12.76 -5.70 -15.97
N ARG A 105 -13.32 -4.57 -16.32
CA ARG A 105 -14.28 -4.52 -17.40
C ARG A 105 -13.65 -4.96 -18.71
N ALA A 106 -12.43 -4.55 -18.96
CA ALA A 106 -11.81 -4.88 -20.23
C ALA A 106 -11.51 -6.36 -20.31
N LEU A 107 -10.92 -6.91 -19.28
CA LEU A 107 -10.57 -8.34 -19.30
C LEU A 107 -11.78 -9.25 -19.09
N ALA A 108 -12.88 -8.76 -18.54
CA ALA A 108 -14.14 -9.50 -18.51
C ALA A 108 -14.68 -9.69 -19.91
N GLY A 109 -14.49 -8.69 -20.76
CA GLY A 109 -14.82 -8.79 -22.16
C GLY A 109 -16.31 -8.74 -22.49
N GLN A 110 -17.16 -8.36 -21.52
CA GLN A 110 -18.60 -8.09 -21.75
C GLN A 110 -19.16 -7.09 -20.77
N ASP A 111 -20.31 -6.57 -21.06
CA ASP A 111 -20.91 -5.57 -20.24
C ASP A 111 -21.94 -6.13 -19.29
N LYS A 112 -22.02 -7.42 -19.08
CA LYS A 112 -23.03 -7.95 -18.20
C LYS A 112 -22.60 -8.06 -16.75
N SER A 113 -21.39 -8.53 -16.49
CA SER A 113 -20.87 -8.58 -15.11
C SER A 113 -20.90 -7.20 -14.48
N ILE A 114 -21.34 -7.18 -13.22
CA ILE A 114 -21.38 -5.96 -12.43
C ILE A 114 -19.94 -5.69 -11.97
N VAL A 115 -19.35 -4.56 -12.30
CA VAL A 115 -18.04 -4.16 -11.77
C VAL A 115 -18.29 -2.97 -10.84
N ASN A 116 -18.05 -3.17 -9.55
CA ASN A 116 -18.14 -2.04 -8.61
C ASN A 116 -16.87 -1.27 -8.47
N GLY A 117 -16.92 -0.07 -7.96
CA GLY A 117 -15.72 0.75 -7.72
C GLY A 117 -15.73 1.36 -6.32
N LEU A 118 -14.66 1.16 -5.57
CA LEU A 118 -14.57 1.58 -4.17
C LEU A 118 -14.27 3.01 -4.03
N ILE A 119 -15.21 3.71 -3.42
CA ILE A 119 -14.94 5.10 -3.07
C ILE A 119 -15.39 5.25 -1.60
N SER A 120 -14.81 6.22 -0.90
CA SER A 120 -14.95 6.27 0.51
C SER A 120 -15.40 7.59 1.08
N PRO A 121 -15.91 7.56 2.31
CA PRO A 121 -16.40 8.79 2.94
C PRO A 121 -15.22 9.63 3.28
N THR A 122 -15.46 10.92 3.44
CA THR A 122 -14.41 11.88 3.75
C THR A 122 -14.68 12.76 4.96
N GLY A 123 -15.89 12.72 5.48
CA GLY A 123 -16.28 13.65 6.52
C GLY A 123 -17.06 14.81 5.96
N THR A 124 -17.08 14.94 4.64
CA THR A 124 -17.69 16.10 4.01
C THR A 124 -18.75 15.52 3.09
N VAL A 125 -20.00 15.90 3.35
CA VAL A 125 -21.14 15.52 2.52
C VAL A 125 -20.88 16.00 1.09
N GLY A 126 -20.99 15.07 0.14
CA GLY A 126 -20.81 15.36 -1.30
C GLY A 126 -19.41 15.21 -1.82
N MSE A 127 -18.43 14.96 -0.96
CA MSE A 127 -17.10 14.72 -1.40
C MSE A 127 -16.68 13.30 -1.07
O MSE A 127 -16.98 12.77 0.03
CB MSE A 127 -16.11 15.68 -0.75
CG MSE A 127 -16.41 17.15 -0.96
SE MSE A 127 -16.20 17.70 -2.85
CE MSE A 127 -14.22 17.72 -3.10
N VAL A 128 -15.97 12.68 -2.03
CA VAL A 128 -15.58 11.27 -1.85
C VAL A 128 -14.13 11.04 -2.21
N LYS A 129 -13.52 10.06 -1.53
CA LYS A 129 -12.11 9.71 -1.74
C LYS A 129 -12.02 8.62 -2.83
N ILE A 130 -11.22 8.84 -3.87
CA ILE A 130 -11.16 7.87 -4.99
C ILE A 130 -9.75 7.28 -5.19
N SER A 131 -8.79 7.71 -4.38
CA SER A 131 -7.41 7.20 -4.52
C SER A 131 -7.29 5.89 -3.72
N THR A 132 -8.07 4.85 -4.12
CA THR A 132 -8.19 3.64 -3.38
C THR A 132 -7.36 2.47 -4.02
N GLY A 133 -6.47 2.76 -4.96
CA GLY A 133 -5.70 1.73 -5.62
C GLY A 133 -4.36 1.44 -4.94
N PRO A 134 -3.57 0.51 -5.50
CA PRO A 134 -2.44 0.05 -4.81
C PRO A 134 -1.42 1.15 -4.48
N LEU A 135 -0.94 1.89 -5.44
CA LEU A 135 -0.04 3.01 -5.15
C LEU A 135 -0.79 4.24 -4.63
N SER A 136 -1.96 4.55 -5.18
CA SER A 136 -2.68 5.77 -4.85
C SER A 136 -3.21 5.80 -3.39
N SER A 137 -3.49 4.62 -2.85
CA SER A 137 -3.86 4.51 -1.42
C SER A 137 -2.80 4.96 -0.45
N ARG A 138 -1.56 4.95 -0.88
CA ARG A 138 -0.42 5.46 -0.14
C ARG A 138 -0.11 6.93 -0.38
N SER A 139 -0.81 7.57 -1.29
CA SER A 139 -0.56 8.96 -1.66
C SER A 139 -1.55 9.87 -0.94
N GLU A 140 -1.32 11.18 -1.00
CA GLU A 140 -2.28 12.18 -0.46
C GLU A 140 -3.68 11.94 -1.04
N ASP A 141 -4.73 12.07 -0.24
CA ASP A 141 -6.06 11.65 -0.71
C ASP A 141 -6.48 12.47 -1.95
N ALA A 142 -7.13 11.82 -2.92
CA ALA A 142 -7.81 12.47 -4.00
C ALA A 142 -9.26 12.53 -3.63
N ILE A 143 -9.76 13.72 -3.36
CA ILE A 143 -11.12 13.89 -2.85
C ILE A 143 -11.89 14.70 -3.88
N VAL A 144 -13.00 14.17 -4.35
CA VAL A 144 -13.67 14.76 -5.47
C VAL A 144 -15.17 14.76 -5.29
N PRO A 145 -15.85 15.52 -6.14
CA PRO A 145 -17.28 15.57 -6.00
C PRO A 145 -17.91 14.21 -6.31
N VAL A 146 -18.90 13.78 -5.54
CA VAL A 146 -19.49 12.46 -5.74
C VAL A 146 -20.06 12.33 -7.17
N GLU A 147 -20.66 13.41 -7.65
CA GLU A 147 -21.17 13.39 -9.03
C GLU A 147 -20.09 13.03 -10.03
N THR A 148 -18.90 13.59 -9.84
CA THR A 148 -17.84 13.38 -10.84
C THR A 148 -17.25 12.03 -10.67
N ALA A 149 -17.15 11.57 -9.44
CA ALA A 149 -16.70 10.15 -9.23
C ALA A 149 -17.61 9.12 -9.92
N ILE A 150 -18.92 9.33 -9.85
CA ILE A 150 -19.86 8.45 -10.54
C ILE A 150 -19.66 8.57 -12.10
N ALA A 151 -19.43 9.79 -12.58
CA ALA A 151 -19.25 10.02 -14.01
C ALA A 151 -17.98 9.31 -14.48
N MSE A 152 -16.96 9.34 -13.66
CA MSE A 152 -15.68 8.68 -13.99
C MSE A 152 -15.83 7.17 -13.94
O MSE A 152 -15.32 6.46 -14.77
CB MSE A 152 -14.61 9.19 -13.04
CG MSE A 152 -14.09 10.54 -13.33
SE MSE A 152 -12.84 11.22 -11.97
CE MSE A 152 -11.21 10.39 -12.75
N LEU A 153 -16.55 6.65 -12.95
CA LEU A 153 -16.81 5.25 -12.89
C LEU A 153 -17.54 4.80 -14.10
N LYS A 154 -18.58 5.53 -14.55
CA LYS A 154 -19.25 5.18 -15.80
C LYS A 154 -18.31 5.18 -16.97
N ASP A 155 -17.53 6.26 -17.09
CA ASP A 155 -16.49 6.35 -18.13
C ASP A 155 -15.56 5.19 -18.14
N MSE A 156 -15.31 4.57 -16.97
CA MSE A 156 -14.39 3.48 -16.86
C MSE A 156 -15.06 2.07 -16.97
O MSE A 156 -14.38 1.07 -16.75
CB MSE A 156 -13.63 3.62 -15.56
CG MSE A 156 -12.74 4.84 -15.64
SE MSE A 156 -11.53 5.05 -14.11
CE MSE A 156 -12.69 4.33 -12.80
N GLY A 157 -16.34 2.02 -17.34
CA GLY A 157 -17.04 0.77 -17.56
C GLY A 157 -17.63 0.19 -16.33
N GLY A 158 -17.67 0.96 -15.23
CA GLY A 158 -18.28 0.50 -13.97
C GLY A 158 -19.80 0.46 -13.97
N SER A 159 -20.35 -0.38 -13.11
CA SER A 159 -21.77 -0.57 -12.89
C SER A 159 -22.33 0.12 -11.67
N SER A 160 -21.48 0.28 -10.65
CA SER A 160 -21.86 0.64 -9.31
C SER A 160 -20.76 1.24 -8.44
N VAL A 161 -21.21 2.08 -7.50
CA VAL A 161 -20.45 2.60 -6.42
C VAL A 161 -20.43 1.62 -5.25
N LYS A 162 -19.23 1.21 -4.80
CA LYS A 162 -19.13 0.52 -3.51
C LYS A 162 -18.63 1.55 -2.48
N TYR A 163 -19.50 1.88 -1.57
CA TYR A 163 -19.26 2.92 -0.61
C TYR A 163 -18.78 2.24 0.63
N PHE A 164 -17.51 2.47 0.94
CA PHE A 164 -16.88 1.76 2.05
C PHE A 164 -15.71 2.60 2.54
N PRO A 165 -15.46 2.57 3.86
CA PRO A 165 -16.25 1.95 4.93
C PRO A 165 -17.37 2.85 5.47
N MSE A 166 -18.57 2.29 5.58
CA MSE A 166 -19.70 3.10 5.94
C MSE A 166 -19.86 3.28 7.45
O MSE A 166 -20.51 4.20 7.90
CB MSE A 166 -20.93 2.47 5.38
CG MSE A 166 -22.07 3.36 5.19
SE MSE A 166 -23.29 2.44 3.90
CE MSE A 166 -23.99 1.12 5.12
N GLY A 167 -19.22 2.40 8.20
CA GLY A 167 -19.45 2.31 9.63
C GLY A 167 -20.91 2.27 10.01
N GLY A 168 -21.74 1.52 9.26
CA GLY A 168 -23.16 1.38 9.58
C GLY A 168 -23.93 2.65 9.38
N LEU A 169 -24.47 3.22 10.46
CA LEU A 169 -25.19 4.49 10.36
C LEU A 169 -24.32 5.73 10.73
N GLU A 170 -23.05 5.52 11.03
CA GLU A 170 -22.13 6.63 11.37
C GLU A 170 -21.90 7.65 10.24
N THR A 171 -22.11 7.23 8.99
CA THR A 171 -21.91 8.16 7.87
C THR A 171 -23.25 8.39 7.14
N ARG A 172 -24.34 8.30 7.90
CA ARG A 172 -25.70 8.49 7.40
C ARG A 172 -25.90 9.64 6.37
N GLU A 173 -25.43 10.83 6.72
CA GLU A 173 -25.63 12.03 5.90
C GLU A 173 -24.76 12.01 4.66
N GLU A 174 -23.50 11.56 4.76
CA GLU A 174 -22.68 11.39 3.55
C GLU A 174 -23.32 10.34 2.63
N PHE A 175 -23.83 9.26 3.22
CA PHE A 175 -24.40 8.15 2.47
C PHE A 175 -25.64 8.59 1.78
N ALA A 176 -26.53 9.30 2.51
CA ALA A 176 -27.73 9.81 1.89
C ALA A 176 -27.41 10.65 0.63
N CYS A 177 -26.34 11.44 0.66
CA CYS A 177 -25.97 12.25 -0.49
C CYS A 177 -25.39 11.37 -1.63
N VAL A 178 -24.71 10.28 -1.30
CA VAL A 178 -24.23 9.37 -2.36
C VAL A 178 -25.37 8.66 -3.06
N ALA A 179 -26.39 8.24 -2.27
CA ALA A 179 -27.58 7.58 -2.80
C ALA A 179 -28.30 8.56 -3.71
N LYS A 180 -28.48 9.82 -3.28
CA LYS A 180 -29.12 10.83 -4.15
C LYS A 180 -28.40 10.99 -5.48
N ALA A 181 -27.09 11.05 -5.42
CA ALA A 181 -26.27 11.23 -6.63
C ALA A 181 -26.41 9.98 -7.53
N CYS A 182 -26.41 8.78 -6.92
CA CYS A 182 -26.57 7.55 -7.69
C CYS A 182 -27.93 7.53 -8.43
N ALA A 183 -28.96 7.94 -7.69
CA ALA A 183 -30.33 7.93 -8.22
C ALA A 183 -30.47 8.91 -9.40
N ASP A 184 -29.92 10.09 -9.23
CA ASP A 184 -29.94 11.17 -10.22
C ASP A 184 -29.10 10.88 -11.50
N LYS A 185 -27.99 10.16 -11.38
CA LYS A 185 -27.16 9.73 -12.52
C LYS A 185 -27.41 8.29 -12.93
N ASP A 186 -28.44 7.73 -12.32
CA ASP A 186 -28.93 6.40 -12.63
C ASP A 186 -27.87 5.28 -12.53
N PHE A 187 -27.20 5.21 -11.41
CA PHE A 187 -26.05 4.34 -11.20
C PHE A 187 -26.41 3.53 -10.02
N TRP A 188 -25.82 2.37 -9.86
CA TRP A 188 -26.15 1.49 -8.74
C TRP A 188 -25.22 1.72 -7.56
N LEU A 189 -25.58 1.13 -6.43
CA LEU A 189 -24.95 1.43 -5.13
C LEU A 189 -24.84 0.21 -4.28
N GLU A 190 -23.69 0.03 -3.66
CA GLU A 190 -23.40 -1.14 -2.87
C GLU A 190 -22.96 -0.67 -1.50
N PRO A 191 -23.90 -0.57 -0.56
CA PRO A 191 -23.44 -0.15 0.76
C PRO A 191 -22.63 -1.20 1.50
N THR A 192 -21.50 -0.82 2.08
CA THR A 192 -20.64 -1.76 2.65
C THR A 192 -19.90 -1.24 3.94
N GLY A 193 -19.91 -2.06 5.00
CA GLY A 193 -19.20 -1.77 6.21
C GLY A 193 -20.12 -1.52 7.38
N GLY A 194 -20.17 -2.46 8.33
CA GLY A 194 -20.95 -2.25 9.57
C GLY A 194 -22.43 -2.49 9.44
N ILE A 195 -22.85 -3.20 8.41
CA ILE A 195 -24.24 -3.47 8.24
C ILE A 195 -24.54 -4.72 9.04
N ASP A 196 -25.59 -4.62 9.87
CA ASP A 196 -26.02 -5.80 10.65
C ASP A 196 -27.54 -5.91 10.61
N LEU A 197 -28.13 -6.96 11.19
CA LEU A 197 -29.58 -7.14 11.14
C LEU A 197 -30.37 -6.04 11.80
N GLU A 198 -29.74 -5.28 12.66
CA GLU A 198 -30.49 -4.26 13.41
C GLU A 198 -30.51 -2.94 12.69
N ASN A 199 -29.51 -2.67 11.86
CA ASN A 199 -29.50 -1.41 11.08
C ASN A 199 -29.79 -1.58 9.56
N TYR A 200 -29.99 -2.79 9.10
CA TYR A 200 -30.17 -3.10 7.66
C TYR A 200 -31.36 -2.32 7.15
N GLU A 201 -32.45 -2.40 7.85
CA GLU A 201 -33.66 -1.73 7.35
C GLU A 201 -33.47 -0.21 7.20
N GLU A 202 -32.91 0.44 8.19
CA GLU A 202 -32.79 1.90 8.16
C GLU A 202 -31.80 2.35 7.08
N ILE A 203 -30.74 1.58 6.89
CA ILE A 203 -29.74 1.87 5.84
C ILE A 203 -30.35 1.67 4.46
N MSE A 204 -31.02 0.52 4.24
CA MSE A 204 -31.68 0.29 2.93
C MSE A 204 -32.77 1.37 2.68
O MSE A 204 -32.85 1.93 1.58
CB MSE A 204 -32.35 -1.08 2.84
CG MSE A 204 -31.40 -2.24 2.88
SE MSE A 204 -30.10 -2.06 1.38
CE MSE A 204 -31.36 -2.54 -0.01
N GLN A 205 -33.57 1.69 3.70
CA GLN A 205 -34.60 2.73 3.48
C GLN A 205 -34.01 4.02 2.98
N ILE A 206 -32.76 4.33 3.29
CA ILE A 206 -32.19 5.60 2.83
C ILE A 206 -32.00 5.57 1.32
N ALA A 207 -31.47 4.46 0.82
CA ALA A 207 -31.17 4.29 -0.58
C ALA A 207 -32.44 4.10 -1.37
N LEU A 208 -33.41 3.39 -0.78
CA LEU A 208 -34.71 3.25 -1.39
C LEU A 208 -35.48 4.59 -1.54
N ASP A 209 -35.48 5.41 -0.49
CA ASP A 209 -36.16 6.72 -0.55
C ASP A 209 -35.50 7.66 -1.54
N ALA A 210 -34.20 7.45 -1.77
CA ALA A 210 -33.48 8.30 -2.71
C ALA A 210 -33.86 7.84 -4.09
N GLY A 211 -34.47 6.68 -4.21
CA GLY A 211 -34.82 6.19 -5.55
C GLY A 211 -33.68 5.53 -6.34
N VAL A 212 -32.66 5.02 -5.66
CA VAL A 212 -31.60 4.21 -6.32
C VAL A 212 -32.23 2.98 -6.96
N SER A 213 -31.95 2.73 -8.25
CA SER A 213 -32.62 1.65 -9.00
C SER A 213 -32.21 0.25 -8.58
N LYS A 214 -30.91 0.05 -8.33
CA LYS A 214 -30.42 -1.27 -7.92
C LYS A 214 -29.42 -1.11 -6.77
N ILE A 215 -29.64 -1.89 -5.70
CA ILE A 215 -28.87 -1.80 -4.49
C ILE A 215 -28.28 -3.14 -4.20
N ILE A 216 -26.98 -3.19 -4.00
CA ILE A 216 -26.37 -4.46 -3.50
C ILE A 216 -25.68 -4.24 -2.15
N PRO A 217 -26.38 -4.47 -1.02
CA PRO A 217 -25.82 -4.38 0.30
C PRO A 217 -24.87 -5.54 0.57
N HIS A 218 -23.74 -5.24 1.16
CA HIS A 218 -22.77 -6.24 1.56
C HIS A 218 -22.85 -6.44 3.04
N ILE A 219 -23.26 -7.64 3.48
CA ILE A 219 -23.37 -8.01 4.90
C ILE A 219 -22.40 -9.12 5.18
N TYR A 220 -21.31 -8.79 5.89
CA TYR A 220 -20.27 -9.75 6.17
C TYR A 220 -20.24 -10.23 7.64
N SER A 221 -19.32 -9.70 8.46
CA SER A 221 -19.12 -10.28 9.79
C SER A 221 -20.30 -10.44 10.73
N SER A 222 -21.25 -9.54 10.68
CA SER A 222 -22.34 -9.58 11.61
C SER A 222 -23.22 -10.84 11.46
N ILE A 223 -23.12 -11.54 10.31
CA ILE A 223 -23.89 -12.75 10.09
C ILE A 223 -23.05 -14.01 9.89
N ILE A 224 -21.80 -13.97 10.33
CA ILE A 224 -20.90 -15.08 10.20
C ILE A 224 -20.70 -15.77 11.54
N ASP A 225 -20.79 -17.09 11.53
CA ASP A 225 -20.59 -17.89 12.72
C ASP A 225 -19.11 -17.97 12.95
N LYS A 226 -18.66 -17.36 14.04
CA LYS A 226 -17.20 -17.32 14.31
C LYS A 226 -16.59 -18.69 14.64
N ALA A 227 -17.41 -19.62 15.10
CA ALA A 227 -16.97 -21.00 15.36
C ALA A 227 -16.64 -21.74 14.07
N THR A 228 -17.50 -21.61 13.07
CA THR A 228 -17.32 -22.31 11.77
C THR A 228 -16.76 -21.48 10.62
N GLY A 229 -16.87 -20.15 10.68
CA GLY A 229 -16.53 -19.31 9.53
C GLY A 229 -17.65 -19.33 8.49
N ASN A 230 -18.79 -19.92 8.82
CA ASN A 230 -19.90 -19.97 7.86
C ASN A 230 -20.89 -18.83 8.04
N THR A 231 -21.39 -18.31 6.93
CA THR A 231 -22.42 -17.31 6.98
C THR A 231 -23.72 -18.06 7.35
N ARG A 232 -24.48 -17.55 8.30
CA ARG A 232 -25.65 -18.24 8.82
C ARG A 232 -26.78 -18.15 7.82
N PRO A 233 -27.23 -19.32 7.32
CA PRO A 233 -28.34 -19.28 6.35
C PRO A 233 -29.59 -18.65 6.96
N GLU A 234 -29.82 -18.87 8.25
CA GLU A 234 -30.99 -18.26 8.89
C GLU A 234 -30.96 -16.72 8.92
N ASP A 235 -29.77 -16.12 8.98
CA ASP A 235 -29.61 -14.67 8.87
C ASP A 235 -29.82 -14.11 7.43
N VAL A 236 -29.33 -14.84 6.44
CA VAL A 236 -29.64 -14.59 5.04
C VAL A 236 -31.17 -14.56 4.80
N LYS A 237 -31.94 -15.46 5.48
CA LYS A 237 -33.38 -15.56 5.26
C LYS A 237 -34.05 -14.39 5.93
N THR A 238 -33.55 -14.03 7.10
CA THR A 238 -33.96 -12.85 7.80
C THR A 238 -33.73 -11.58 6.95
N LEU A 239 -32.55 -11.44 6.36
CA LEU A 239 -32.31 -10.30 5.48
C LEU A 239 -33.27 -10.32 4.24
N LEU A 240 -33.57 -11.52 3.74
CA LEU A 240 -34.45 -11.61 2.55
C LEU A 240 -35.84 -11.18 2.96
N ASP A 241 -36.31 -11.64 4.12
CA ASP A 241 -37.65 -11.29 4.54
C ASP A 241 -37.76 -9.79 4.84
N MSE A 242 -36.73 -9.22 5.47
CA MSE A 242 -36.64 -7.78 5.65
C MSE A 242 -36.68 -7.03 4.33
O MSE A 242 -37.35 -6.00 4.22
CB MSE A 242 -35.36 -7.39 6.41
CG MSE A 242 -35.40 -7.74 7.87
SE MSE A 242 -33.68 -7.24 8.80
CE MSE A 242 -34.22 -7.74 10.66
N THR A 243 -36.03 -7.59 3.32
CA THR A 243 -36.03 -6.96 2.02
C THR A 243 -37.47 -6.98 1.41
N LYS A 244 -38.18 -8.09 1.60
CA LYS A 244 -39.53 -8.21 1.01
C LYS A 244 -40.46 -7.22 1.67
N LYS A 245 -40.33 -7.11 3.00
CA LYS A 245 -41.04 -6.12 3.79
C LYS A 245 -40.71 -4.66 3.47
N LEU A 246 -39.46 -4.39 3.04
CA LEU A 246 -39.05 -3.03 2.71
C LEU A 246 -39.73 -2.59 1.42
N LEU A 247 -39.85 -3.52 0.48
CA LEU A 247 -40.41 -3.18 -0.81
C LEU A 247 -41.91 -3.41 -0.91
N LEU A 248 -42.54 -4.00 0.11
CA LEU A 248 -44.00 -4.11 0.11
C LEU A 248 -44.67 -2.72 0.22
N SER B 4 8.00 -4.17 -33.11
CA SER B 4 8.65 -2.82 -33.02
C SER B 4 7.81 -1.87 -32.16
N LEU B 5 7.75 -2.15 -30.88
CA LEU B 5 6.80 -1.48 -30.00
C LEU B 5 7.45 -0.40 -29.20
N LYS B 6 8.75 -0.22 -29.37
CA LYS B 6 9.51 0.68 -28.51
C LYS B 6 9.90 1.89 -29.33
N ALA B 7 9.37 3.04 -28.93
CA ALA B 7 9.68 4.30 -29.55
C ALA B 7 11.19 4.61 -29.58
N ASN B 8 11.62 5.36 -30.57
CA ASN B 8 13.05 5.60 -30.77
C ASN B 8 13.45 6.93 -30.20
N PHE B 9 13.64 6.95 -28.89
CA PHE B 9 13.97 8.17 -28.21
C PHE B 9 15.36 8.57 -28.54
N TYR B 10 15.53 9.84 -28.87
CA TYR B 10 16.89 10.37 -29.14
C TYR B 10 17.68 10.45 -27.83
N LYS B 11 18.89 9.84 -27.79
CA LYS B 11 19.73 9.64 -26.56
C LYS B 11 19.01 8.97 -25.44
N ASN B 12 18.03 8.13 -25.79
CA ASN B 12 17.15 7.52 -24.81
CA ASN B 12 17.12 7.54 -24.85
C ASN B 12 16.40 8.56 -23.96
N ARG B 13 16.20 9.78 -24.48
CA ARG B 13 15.58 10.90 -23.71
C ARG B 13 14.33 11.57 -24.33
N VAL B 14 14.38 11.85 -25.64
CA VAL B 14 13.31 12.64 -26.24
C VAL B 14 12.85 12.03 -27.54
N CYS B 15 11.51 11.96 -27.67
CA CYS B 15 10.87 11.50 -28.87
C CYS B 15 9.82 12.52 -29.29
N LEU B 16 9.96 13.09 -30.48
CA LEU B 16 9.01 14.10 -30.96
C LEU B 16 7.69 13.42 -31.34
N ASN B 17 6.58 14.10 -31.08
CA ASN B 17 5.27 13.61 -31.51
C ASN B 17 4.60 14.73 -32.29
N VAL B 18 4.41 14.47 -33.58
CA VAL B 18 3.80 15.39 -34.50
C VAL B 18 2.76 14.66 -35.35
N LEU B 19 1.78 15.42 -35.84
CA LEU B 19 0.76 14.88 -36.74
C LEU B 19 1.23 14.70 -38.20
N ALA B 20 0.78 13.63 -38.86
CA ALA B 20 1.05 13.39 -40.28
C ALA B 20 -0.21 13.77 -41.05
N GLY B 21 -0.02 14.48 -42.14
CA GLY B 21 -1.16 14.79 -43.07
C GLY B 21 -1.54 13.75 -44.10
N SER B 22 -0.67 12.77 -44.29
CA SER B 22 -0.78 11.79 -45.34
C SER B 22 0.29 10.78 -45.07
N VAL B 23 0.17 9.63 -45.71
CA VAL B 23 1.21 8.62 -45.57
C VAL B 23 2.54 9.13 -46.08
N ASP B 24 2.52 9.83 -47.21
CA ASP B 24 3.74 10.43 -47.75
C ASP B 24 4.35 11.44 -46.77
N ASN B 25 3.52 12.27 -46.14
CA ASN B 25 4.01 13.21 -45.18
C ASN B 25 4.68 12.47 -43.98
N ALA B 26 4.09 11.36 -43.52
CA ALA B 26 4.68 10.56 -42.45
C ALA B 26 6.13 10.04 -42.82
N ALA B 27 6.31 9.60 -44.05
CA ALA B 27 7.65 9.21 -44.54
C ALA B 27 8.64 10.36 -44.47
N ASP B 28 8.24 11.54 -44.93
CA ASP B 28 9.17 12.69 -44.90
C ASP B 28 9.48 13.10 -43.45
N ILE B 29 8.49 13.05 -42.55
CA ILE B 29 8.68 13.47 -41.13
C ILE B 29 9.63 12.45 -40.48
N TYR B 30 9.41 11.18 -40.77
CA TYR B 30 10.26 10.14 -40.21
C TYR B 30 11.70 10.32 -40.64
N ASP B 31 11.95 10.58 -41.92
CA ASP B 31 13.33 10.91 -42.38
C ASP B 31 13.90 12.19 -41.73
N ALA B 32 13.08 13.24 -41.65
CA ALA B 32 13.51 14.51 -41.09
C ALA B 32 13.91 14.38 -39.63
N ALA B 33 13.21 13.50 -38.90
CA ALA B 33 13.46 13.31 -37.48
C ALA B 33 14.60 12.31 -37.21
N GLU B 34 15.18 11.76 -38.27
CA GLU B 34 16.09 10.64 -38.18
C GLU B 34 15.44 9.49 -37.37
N GLY B 35 14.13 9.32 -37.48
CA GLY B 35 13.45 8.19 -36.77
C GLY B 35 13.12 8.44 -35.31
N HIS B 36 13.45 9.62 -34.77
CA HIS B 36 13.18 9.89 -33.35
C HIS B 36 11.87 10.63 -33.23
N VAL B 37 10.81 9.96 -33.61
CA VAL B 37 9.55 10.65 -33.72
C VAL B 37 8.46 9.58 -33.63
N LEU B 38 7.26 10.06 -33.40
CA LEU B 38 6.03 9.30 -33.42
C LEU B 38 5.05 10.12 -34.26
N VAL B 39 4.41 9.49 -35.23
CA VAL B 39 3.57 10.20 -36.19
C VAL B 39 2.16 10.01 -35.71
N GLY B 40 1.49 11.10 -35.44
CA GLY B 40 0.06 11.08 -34.98
C GLY B 40 -0.91 10.95 -36.14
N VAL B 41 -1.81 9.96 -35.96
CA VAL B 41 -2.96 9.70 -36.83
C VAL B 41 -4.23 9.64 -35.89
N LEU B 42 -5.24 10.42 -36.18
CA LEU B 42 -6.40 10.68 -35.27
C LEU B 42 -7.64 9.83 -35.58
N SER B 43 -8.18 9.21 -34.54
CA SER B 43 -9.32 8.31 -34.75
C SER B 43 -10.53 9.05 -35.29
N LYS B 44 -10.68 10.31 -34.95
CA LYS B 44 -11.82 11.09 -35.37
C LYS B 44 -11.79 11.37 -36.89
N ASN B 45 -10.74 11.01 -37.60
CA ASN B 45 -10.72 11.18 -39.03
C ASN B 45 -11.20 9.93 -39.79
N TYR B 46 -11.77 8.95 -39.05
CA TYR B 46 -12.22 7.70 -39.62
C TYR B 46 -13.59 7.39 -39.13
N PRO B 47 -14.39 6.71 -39.96
CA PRO B 47 -15.80 6.45 -39.60
C PRO B 47 -15.98 5.28 -38.63
N ASP B 48 -14.98 4.41 -38.56
CA ASP B 48 -15.04 3.22 -37.71
C ASP B 48 -13.65 2.63 -37.49
N VAL B 49 -13.60 1.67 -36.59
CA VAL B 49 -12.33 1.05 -36.18
C VAL B 49 -11.64 0.38 -37.35
N ASP B 50 -12.38 -0.31 -38.21
CA ASP B 50 -11.72 -1.14 -39.22
C ASP B 50 -11.04 -0.25 -40.26
N THR B 51 -11.70 0.81 -40.65
CA THR B 51 -11.12 1.76 -41.62
C THR B 51 -9.86 2.42 -41.02
N ALA B 52 -9.95 2.87 -39.76
CA ALA B 52 -8.79 3.43 -39.06
C ALA B 52 -7.61 2.41 -39.05
N VAL B 53 -7.90 1.18 -38.66
CA VAL B 53 -6.86 0.19 -38.52
C VAL B 53 -6.13 -0.02 -39.87
N GLU B 54 -6.93 -0.12 -40.92
CA GLU B 54 -6.43 -0.43 -42.26
C GLU B 54 -5.53 0.73 -42.70
N ASP B 55 -6.00 1.98 -42.52
CA ASP B 55 -5.17 3.13 -42.88
C ASP B 55 -3.91 3.25 -42.00
N MSE B 56 -4.00 3.04 -40.69
CA MSE B 56 -2.82 3.31 -39.87
C MSE B 56 -1.75 2.28 -40.11
O MSE B 56 -0.57 2.53 -39.86
CB MSE B 56 -3.16 3.45 -38.41
CG MSE B 56 -4.08 4.66 -38.13
SE MSE B 56 -4.63 4.66 -36.26
CE MSE B 56 -6.03 6.16 -36.10
N LYS B 57 -2.13 1.11 -40.57
CA LYS B 57 -1.12 0.16 -41.00
C LYS B 57 -0.23 0.68 -42.12
N LYS B 58 -0.77 1.49 -43.03
CA LYS B 58 0.02 2.13 -44.10
C LYS B 58 1.04 3.14 -43.50
N TYR B 59 0.61 3.92 -42.53
CA TYR B 59 1.54 4.77 -41.76
C TYR B 59 2.63 3.98 -41.05
N SER B 60 2.29 2.87 -40.43
CA SER B 60 3.23 2.02 -39.78
C SER B 60 4.35 1.50 -40.75
N GLU B 61 3.96 1.09 -41.93
CA GLU B 61 4.88 0.53 -42.92
C GLU B 61 5.96 1.52 -43.34
N VAL B 62 5.63 2.81 -43.42
CA VAL B 62 6.64 3.80 -43.77
C VAL B 62 7.36 4.50 -42.58
N THR B 63 7.05 4.10 -41.34
CA THR B 63 7.68 4.72 -40.17
C THR B 63 8.24 3.70 -39.16
N ASN B 64 8.38 2.43 -39.56
CA ASN B 64 8.73 1.31 -38.66
C ASN B 64 7.87 1.27 -37.39
N ASN B 65 6.58 1.44 -37.58
CA ASN B 65 5.62 1.38 -36.51
C ASN B 65 5.72 2.53 -35.50
N ALA B 66 6.28 3.65 -35.92
CA ALA B 66 6.34 4.83 -35.06
C ALA B 66 5.11 5.69 -35.23
N VAL B 67 4.00 5.14 -34.76
CA VAL B 67 2.71 5.68 -34.92
C VAL B 67 2.12 5.91 -33.50
N SER B 68 1.42 7.04 -33.37
CA SER B 68 0.80 7.45 -32.16
C SER B 68 -0.68 7.54 -32.55
N VAL B 69 -1.53 6.70 -31.95
CA VAL B 69 -2.94 6.81 -32.19
C VAL B 69 -3.56 7.88 -31.30
N GLY B 70 -4.30 8.81 -31.87
CA GLY B 70 -4.83 9.92 -31.12
C GLY B 70 -6.32 10.02 -31.18
N LEU B 71 -6.87 10.83 -30.27
CA LEU B 71 -8.29 11.00 -30.18
C LEU B 71 -8.85 11.85 -31.32
N GLY B 72 -8.32 13.05 -31.47
CA GLY B 72 -8.78 13.94 -32.50
C GLY B 72 -9.68 15.02 -31.91
N ALA B 73 -9.20 16.26 -32.09
CA ALA B 73 -9.91 17.50 -31.72
C ALA B 73 -10.20 17.55 -30.22
N GLY B 74 -9.42 16.80 -29.43
CA GLY B 74 -9.54 16.80 -27.98
C GLY B 74 -10.86 16.20 -27.53
N ASP B 75 -11.41 15.29 -28.32
CA ASP B 75 -12.77 14.85 -28.13
C ASP B 75 -12.69 13.59 -27.26
N PRO B 76 -13.06 13.67 -26.00
CA PRO B 76 -12.95 12.52 -25.08
C PRO B 76 -13.82 11.37 -25.53
N ASN B 77 -14.92 11.67 -26.23
CA ASN B 77 -15.82 10.62 -26.75
C ASN B 77 -15.15 9.70 -27.75
N GLN B 78 -13.96 10.07 -28.19
CA GLN B 78 -13.13 9.15 -29.02
C GLN B 78 -12.35 8.10 -28.20
N SER B 79 -12.40 8.14 -26.88
CA SER B 79 -11.46 7.33 -26.05
C SER B 79 -11.60 5.84 -26.41
N MSE B 80 -12.84 5.35 -26.40
CA MSE B 80 -13.03 3.92 -26.63
C MSE B 80 -12.58 3.45 -28.02
O MSE B 80 -11.97 2.40 -28.12
CB MSE B 80 -14.43 3.49 -26.29
CG MSE B 80 -14.70 2.02 -26.60
SE MSE B 80 -13.65 0.68 -25.52
CE MSE B 80 -14.73 0.91 -23.84
N MSE B 81 -12.92 4.18 -29.06
CA MSE B 81 -12.40 3.90 -30.37
C MSE B 81 -10.89 3.83 -30.42
O MSE B 81 -10.31 2.95 -31.11
CB MSE B 81 -12.91 4.91 -31.39
CG MSE B 81 -12.39 4.70 -32.74
SE MSE B 81 -13.43 5.80 -33.99
CE MSE B 81 -12.52 5.43 -35.67
N VAL B 82 -10.21 4.72 -29.69
CA VAL B 82 -8.73 4.67 -29.63
C VAL B 82 -8.26 3.42 -29.00
N SER B 83 -8.87 3.00 -27.92
CA SER B 83 -8.51 1.75 -27.31
C SER B 83 -8.67 0.54 -28.28
N LEU B 84 -9.83 0.47 -28.95
CA LEU B 84 -10.13 -0.59 -29.91
C LEU B 84 -9.23 -0.51 -31.15
N ILE B 85 -8.89 0.68 -31.66
CA ILE B 85 -7.98 0.70 -32.79
C ILE B 85 -6.60 0.19 -32.40
N SER B 86 -6.17 0.65 -31.22
CA SER B 86 -4.82 0.33 -30.74
C SER B 86 -4.62 -1.17 -30.54
N GLN B 87 -5.68 -1.86 -30.18
CA GLN B 87 -5.59 -3.26 -29.93
C GLN B 87 -5.16 -3.98 -31.20
N HIS B 88 -5.70 -3.55 -32.37
CA HIS B 88 -5.29 -4.10 -33.68
C HIS B 88 -4.04 -3.51 -34.29
N VAL B 89 -3.88 -2.20 -34.17
CA VAL B 89 -2.71 -1.55 -34.71
C VAL B 89 -1.40 -1.94 -33.95
N GLN B 90 -1.49 -2.15 -32.62
CA GLN B 90 -0.30 -2.37 -31.74
C GLN B 90 0.76 -1.26 -32.02
N PRO B 91 0.36 -0.02 -31.77
CA PRO B 91 1.25 1.12 -32.03
C PRO B 91 2.32 1.27 -30.96
N GLN B 92 3.33 2.09 -31.24
CA GLN B 92 4.27 2.54 -30.21
C GLN B 92 3.71 3.48 -29.17
N HIS B 93 2.59 4.14 -29.50
CA HIS B 93 2.08 5.17 -28.65
C HIS B 93 0.62 5.34 -28.73
N ILE B 94 -0.02 5.54 -27.59
CA ILE B 94 -1.48 5.69 -27.59
C ILE B 94 -1.75 6.91 -26.75
N ASN B 95 -2.62 7.83 -27.19
CA ASN B 95 -3.14 8.95 -26.40
C ASN B 95 -4.46 8.58 -25.69
N GLN B 96 -4.58 8.83 -24.40
CA GLN B 96 -5.82 8.61 -23.77
C GLN B 96 -6.18 9.73 -22.83
N VAL B 97 -7.46 9.71 -22.41
CA VAL B 97 -7.96 10.54 -21.41
C VAL B 97 -7.84 9.73 -20.12
N PHE B 98 -8.03 10.35 -18.98
CA PHE B 98 -7.69 9.73 -17.69
C PHE B 98 -8.48 8.45 -17.51
N THR B 99 -9.72 8.44 -17.93
CA THR B 99 -10.58 7.28 -17.75
C THR B 99 -10.41 6.16 -18.76
N GLY B 100 -9.50 6.35 -19.70
CA GLY B 100 -9.29 5.42 -20.79
C GLY B 100 -7.95 4.74 -20.75
N VAL B 101 -7.13 5.11 -19.76
CA VAL B 101 -5.69 4.62 -19.66
C VAL B 101 -5.71 3.10 -19.44
N ALA B 102 -6.46 2.65 -18.46
CA ALA B 102 -6.56 1.24 -18.14
C ALA B 102 -7.13 0.40 -19.25
N THR B 103 -8.17 0.88 -19.89
CA THR B 103 -8.73 0.20 -21.10
C THR B 103 -7.76 -0.03 -22.22
N SER B 104 -7.03 1.00 -22.60
CA SER B 104 -6.07 0.85 -23.59
C SER B 104 -4.96 -0.05 -23.20
N ARG B 105 -4.48 0.01 -21.94
CA ARG B 105 -3.42 -0.90 -21.58
C ARG B 105 -3.95 -2.34 -21.64
N ALA B 106 -5.13 -2.61 -21.05
CA ALA B 106 -5.71 -3.96 -21.11
C ALA B 106 -5.90 -4.51 -22.51
N LEU B 107 -6.46 -3.72 -23.43
CA LEU B 107 -6.65 -4.17 -24.81
C LEU B 107 -5.36 -4.26 -25.63
N ALA B 108 -4.34 -3.50 -25.27
CA ALA B 108 -3.09 -3.56 -25.99
C ALA B 108 -2.45 -4.92 -25.67
N GLY B 109 -2.64 -5.41 -24.44
CA GLY B 109 -2.20 -6.73 -24.04
C GLY B 109 -0.69 -6.91 -23.83
N GLN B 110 0.01 -5.78 -23.73
CA GLN B 110 1.41 -5.82 -23.37
C GLN B 110 1.81 -4.48 -22.72
N ASP B 111 3.01 -4.42 -22.17
CA ASP B 111 3.45 -3.28 -21.43
C ASP B 111 4.43 -2.35 -22.21
N LYS B 112 4.59 -2.56 -23.51
CA LYS B 112 5.57 -1.82 -24.29
C LYS B 112 5.02 -0.56 -24.90
N SER B 113 3.78 -0.59 -25.33
CA SER B 113 3.17 0.54 -25.97
C SER B 113 3.09 1.64 -24.92
N ILE B 114 3.45 2.89 -25.27
CA ILE B 114 3.33 4.03 -24.32
C ILE B 114 1.89 4.40 -24.27
N VAL B 115 1.32 4.43 -23.07
CA VAL B 115 -0.06 4.88 -22.91
C VAL B 115 -0.06 6.11 -22.03
N ASN B 116 -0.36 7.25 -22.62
CA ASN B 116 -0.41 8.54 -21.87
C ASN B 116 -1.73 8.76 -21.26
N GLY B 117 -1.82 9.71 -20.36
CA GLY B 117 -3.09 10.04 -19.76
C GLY B 117 -3.22 11.53 -19.58
N LEU B 118 -4.31 12.02 -20.10
CA LEU B 118 -4.66 13.47 -20.07
C LEU B 118 -5.03 13.95 -18.71
N ILE B 119 -4.25 14.86 -18.21
CA ILE B 119 -4.61 15.63 -17.04
C ILE B 119 -4.28 17.10 -17.31
N SER B 120 -4.90 18.01 -16.53
CA SER B 120 -4.95 19.39 -16.92
C SER B 120 -4.61 20.37 -15.77
N PRO B 121 -4.04 21.54 -16.11
CA PRO B 121 -3.78 22.58 -15.13
C PRO B 121 -5.08 23.08 -14.53
N THR B 122 -4.98 23.67 -13.35
CA THR B 122 -6.11 24.14 -12.59
C THR B 122 -5.94 25.60 -12.13
N GLY B 123 -4.81 26.23 -12.40
CA GLY B 123 -4.49 27.50 -11.75
C GLY B 123 -3.83 27.39 -10.37
N THR B 124 -3.70 26.18 -9.81
CA THR B 124 -3.04 25.98 -8.49
C THR B 124 -1.83 25.03 -8.59
N VAL B 125 -0.63 25.56 -8.33
CA VAL B 125 0.58 24.74 -8.40
C VAL B 125 0.37 23.46 -7.56
N GLY B 126 0.61 22.30 -8.18
CA GLY B 126 0.55 21.02 -7.49
C GLY B 126 -0.81 20.31 -7.49
N MSE B 127 -1.84 20.94 -8.05
CA MSE B 127 -3.15 20.34 -8.18
C MSE B 127 -3.49 20.20 -9.66
O MSE B 127 -3.18 21.09 -10.48
CB MSE B 127 -4.18 21.23 -7.53
CG MSE B 127 -3.88 21.48 -6.05
SE MSE B 127 -4.06 19.82 -4.93
CE MSE B 127 -5.96 19.44 -4.93
N VAL B 128 -4.06 19.06 -10.02
CA VAL B 128 -4.37 18.81 -11.47
C VAL B 128 -5.76 18.30 -11.61
N LYS B 129 -6.35 18.54 -12.76
CA LYS B 129 -7.68 18.10 -13.04
C LYS B 129 -7.61 16.77 -13.80
N ILE B 130 -8.35 15.79 -13.28
CA ILE B 130 -8.29 14.41 -13.80
C ILE B 130 -9.65 13.94 -14.39
N SER B 131 -10.71 14.73 -14.25
CA SER B 131 -11.97 14.40 -14.84
C SER B 131 -12.02 14.73 -16.35
N THR B 132 -11.30 13.97 -17.17
CA THR B 132 -11.08 14.29 -18.55
C THR B 132 -11.78 13.32 -19.54
N GLY B 133 -12.57 12.41 -19.00
CA GLY B 133 -13.30 11.43 -19.78
C GLY B 133 -14.62 11.92 -20.39
N PRO B 134 -15.24 11.08 -21.23
CA PRO B 134 -16.45 11.48 -21.92
C PRO B 134 -17.51 12.17 -21.03
N LEU B 135 -18.03 11.50 -20.01
CA LEU B 135 -19.00 12.13 -19.13
C LEU B 135 -18.33 12.93 -18.06
N SER B 136 -17.17 12.50 -17.57
CA SER B 136 -16.60 13.23 -16.46
C SER B 136 -16.10 14.59 -16.88
N SER B 137 -15.73 14.77 -18.16
CA SER B 137 -15.28 16.09 -18.66
C SER B 137 -16.39 17.13 -18.58
N ARG B 138 -17.62 16.68 -18.44
CA ARG B 138 -18.74 17.59 -18.35
C ARG B 138 -19.34 17.75 -16.96
N SER B 139 -18.76 17.10 -15.95
CA SER B 139 -19.15 17.31 -14.56
C SER B 139 -18.27 18.34 -13.89
N GLU B 140 -18.65 18.64 -12.64
CA GLU B 140 -17.81 19.41 -11.74
C GLU B 140 -16.35 18.83 -11.69
N ASP B 141 -15.37 19.73 -11.80
CA ASP B 141 -13.99 19.30 -11.87
C ASP B 141 -13.52 18.42 -10.71
N ALA B 142 -12.80 17.34 -11.05
CA ALA B 142 -12.09 16.50 -10.14
C ALA B 142 -10.68 17.03 -10.03
N ILE B 143 -10.34 17.65 -8.90
CA ILE B 143 -9.04 18.29 -8.77
C ILE B 143 -8.26 17.62 -7.68
N VAL B 144 -7.07 17.11 -7.99
CA VAL B 144 -6.32 16.26 -7.05
C VAL B 144 -4.86 16.60 -7.07
N PRO B 145 -4.14 16.19 -6.01
CA PRO B 145 -2.67 16.38 -5.94
C PRO B 145 -2.00 15.68 -7.07
N VAL B 146 -1.01 16.35 -7.64
CA VAL B 146 -0.39 15.84 -8.82
C VAL B 146 0.35 14.51 -8.52
N GLU B 147 0.92 14.37 -7.33
CA GLU B 147 1.52 13.12 -6.92
C GLU B 147 0.51 11.93 -6.95
N THR B 148 -0.70 12.15 -6.47
CA THR B 148 -1.73 11.13 -6.42
C THR B 148 -2.20 10.79 -7.90
N ALA B 149 -2.33 11.81 -8.76
CA ALA B 149 -2.75 11.66 -10.14
C ALA B 149 -1.79 10.69 -10.81
N ILE B 150 -0.50 10.88 -10.59
CA ILE B 150 0.55 10.04 -11.16
C ILE B 150 0.46 8.61 -10.59
N ALA B 151 0.21 8.50 -9.30
CA ALA B 151 0.09 7.17 -8.71
C ALA B 151 -1.10 6.47 -9.26
N MSE B 152 -2.21 7.18 -9.48
CA MSE B 152 -3.41 6.54 -10.09
C MSE B 152 -3.13 6.13 -11.51
O MSE B 152 -3.55 5.06 -11.94
CB MSE B 152 -4.68 7.46 -10.00
CG MSE B 152 -5.09 7.73 -8.59
SE MSE B 152 -6.52 9.04 -8.46
CE MSE B 152 -8.00 7.83 -8.65
N LEU B 153 -2.44 6.97 -12.27
CA LEU B 153 -2.10 6.63 -13.65
C LEU B 153 -1.20 5.43 -13.67
N LYS B 154 -0.26 5.30 -12.73
CA LYS B 154 0.59 4.13 -12.65
C LYS B 154 -0.26 2.91 -12.28
N ASP B 155 -1.15 3.07 -11.32
CA ASP B 155 -2.07 1.99 -10.95
C ASP B 155 -2.92 1.54 -12.15
N MSE B 156 -3.16 2.44 -13.11
CA MSE B 156 -4.01 2.05 -14.24
C MSE B 156 -3.21 1.60 -15.46
O MSE B 156 -3.73 1.41 -16.55
CB MSE B 156 -4.99 3.18 -14.59
CG MSE B 156 -5.87 3.50 -13.47
SE MSE B 156 -7.27 4.86 -13.76
CE MSE B 156 -6.11 6.31 -14.51
N GLY B 157 -1.93 1.40 -15.29
CA GLY B 157 -1.08 0.92 -16.45
C GLY B 157 -0.52 1.94 -17.40
N GLY B 158 -0.63 3.18 -17.00
CA GLY B 158 -0.15 4.32 -17.74
C GLY B 158 1.34 4.42 -17.74
N SER B 159 1.82 5.10 -18.78
CA SER B 159 3.25 5.28 -18.97
C SER B 159 3.71 6.72 -18.73
N SER B 160 2.82 7.67 -18.89
CA SER B 160 3.23 9.07 -18.95
C SER B 160 2.05 9.94 -18.73
N VAL B 161 2.31 11.16 -18.30
CA VAL B 161 1.34 12.18 -18.16
C VAL B 161 1.36 13.00 -19.48
N LYS B 162 0.18 13.20 -20.06
CA LYS B 162 0.00 14.19 -21.14
C LYS B 162 -0.59 15.39 -20.46
N TYR B 163 0.16 16.47 -20.49
CA TYR B 163 -0.24 17.65 -19.73
C TYR B 163 -0.81 18.66 -20.73
N PHE B 164 -2.09 18.94 -20.63
CA PHE B 164 -2.74 19.77 -21.65
C PHE B 164 -3.95 20.46 -21.05
N PRO B 165 -4.20 21.70 -21.44
CA PRO B 165 -3.44 22.57 -22.34
C PRO B 165 -2.27 23.25 -21.64
N MSE B 166 -1.09 23.21 -22.22
CA MSE B 166 0.08 23.84 -21.60
C MSE B 166 -0.23 25.29 -21.37
O MSE B 166 0.23 25.87 -20.41
CB MSE B 166 1.26 23.83 -22.55
CG MSE B 166 1.96 22.56 -22.71
SE MSE B 166 2.93 22.03 -21.11
CE MSE B 166 4.22 23.46 -21.23
N GLY B 167 -0.95 25.88 -22.31
CA GLY B 167 -1.22 27.29 -22.28
C GLY B 167 0.04 28.10 -22.53
N GLY B 168 0.31 29.07 -21.65
CA GLY B 168 1.49 29.89 -21.75
C GLY B 168 2.15 30.21 -20.43
N LEU B 169 2.79 31.36 -20.39
CA LEU B 169 3.62 31.72 -19.27
C LEU B 169 2.87 31.57 -17.95
N GLU B 170 1.55 31.75 -17.98
CA GLU B 170 0.72 31.62 -16.79
C GLU B 170 0.73 30.22 -16.18
N THR B 171 1.01 29.19 -16.98
CA THR B 171 1.04 27.81 -16.44
C THR B 171 2.47 27.24 -16.32
N ARG B 172 3.50 28.07 -16.52
CA ARG B 172 4.85 27.55 -16.43
C ARG B 172 5.15 27.02 -15.00
N GLU B 173 4.67 27.72 -13.97
CA GLU B 173 4.91 27.27 -12.58
C GLU B 173 4.22 25.91 -12.36
N GLU B 174 3.01 25.78 -12.88
CA GLU B 174 2.26 24.58 -12.72
C GLU B 174 2.93 23.43 -13.45
N PHE B 175 3.49 23.73 -14.62
CA PHE B 175 4.19 22.77 -15.47
C PHE B 175 5.49 22.30 -14.80
N ALA B 176 6.23 23.24 -14.22
CA ALA B 176 7.49 22.87 -13.59
C ALA B 176 7.23 21.91 -12.41
N CYS B 177 6.14 22.11 -11.68
CA CYS B 177 5.78 21.24 -10.57
C CYS B 177 5.29 19.82 -11.03
N VAL B 178 4.52 19.76 -12.12
CA VAL B 178 4.17 18.45 -12.73
C VAL B 178 5.40 17.72 -13.19
N ALA B 179 6.35 18.42 -13.84
CA ALA B 179 7.62 17.78 -14.28
C ALA B 179 8.44 17.22 -13.08
N LYS B 180 8.50 17.97 -12.01
CA LYS B 180 9.26 17.52 -10.82
C LYS B 180 8.55 16.27 -10.25
N ALA B 181 7.23 16.28 -10.24
CA ALA B 181 6.44 15.09 -9.70
C ALA B 181 6.69 13.83 -10.62
N CYS B 182 6.71 14.05 -11.90
CA CYS B 182 7.06 12.98 -12.82
C CYS B 182 8.45 12.40 -12.56
N ALA B 183 9.43 13.27 -12.44
CA ALA B 183 10.82 12.85 -12.15
C ALA B 183 10.90 12.03 -10.85
N ASP B 184 10.31 12.55 -9.79
CA ASP B 184 10.26 11.88 -8.48
C ASP B 184 9.49 10.53 -8.42
N LYS B 185 8.56 10.29 -9.36
CA LYS B 185 7.80 9.04 -9.38
CA LYS B 185 7.83 9.02 -9.38
C LYS B 185 8.26 8.24 -10.59
N ASP B 186 9.37 8.65 -11.17
CA ASP B 186 9.94 7.98 -12.30
C ASP B 186 8.96 7.72 -13.47
N PHE B 187 8.23 8.77 -13.82
CA PHE B 187 7.16 8.66 -14.78
C PHE B 187 7.50 9.58 -15.95
N TRP B 188 7.00 9.26 -17.12
CA TRP B 188 7.30 10.10 -18.27
C TRP B 188 6.34 11.25 -18.45
N LEU B 189 6.72 12.22 -19.30
CA LEU B 189 5.98 13.44 -19.44
C LEU B 189 5.79 13.82 -20.93
N GLU B 190 4.60 14.32 -21.27
CA GLU B 190 4.23 14.69 -22.65
C GLU B 190 3.59 16.10 -22.61
N PRO B 191 4.43 17.15 -22.68
CA PRO B 191 3.93 18.48 -22.80
C PRO B 191 3.18 18.69 -24.12
N THR B 192 1.99 19.26 -24.07
CA THR B 192 1.15 19.38 -25.24
C THR B 192 0.37 20.67 -25.19
N GLY B 193 0.38 21.44 -26.28
CA GLY B 193 -0.49 22.65 -26.38
C GLY B 193 0.36 23.91 -26.50
N GLY B 194 0.31 24.56 -27.66
CA GLY B 194 0.99 25.85 -27.84
C GLY B 194 2.48 25.73 -28.02
N ILE B 195 3.01 24.53 -28.21
CA ILE B 195 4.46 24.43 -28.42
C ILE B 195 4.80 24.86 -29.85
N ASP B 196 5.85 25.66 -30.00
CA ASP B 196 6.32 26.02 -31.30
C ASP B 196 7.84 26.18 -31.28
N LEU B 197 8.39 26.61 -32.40
CA LEU B 197 9.83 26.63 -32.57
C LEU B 197 10.52 27.64 -31.64
N GLU B 198 9.81 28.70 -31.27
CA GLU B 198 10.32 29.75 -30.42
C GLU B 198 10.32 29.38 -28.93
N ASN B 199 9.38 28.51 -28.49
CA ASN B 199 9.33 28.16 -27.05
C ASN B 199 9.74 26.73 -26.75
N TYR B 200 10.05 25.93 -27.77
CA TYR B 200 10.44 24.55 -27.56
C TYR B 200 11.60 24.40 -26.54
N GLU B 201 12.68 25.16 -26.72
CA GLU B 201 13.84 25.00 -25.92
C GLU B 201 13.57 25.31 -24.44
N GLU B 202 12.86 26.37 -24.18
CA GLU B 202 12.56 26.80 -22.86
C GLU B 202 11.71 25.77 -22.10
N ILE B 203 10.57 25.41 -22.67
CA ILE B 203 9.69 24.37 -22.13
C ILE B 203 10.47 23.09 -21.90
N MSE B 204 11.21 22.60 -22.87
CA MSE B 204 11.93 21.37 -22.69
C MSE B 204 12.94 21.51 -21.56
O MSE B 204 13.11 20.58 -20.75
CB MSE B 204 12.69 20.95 -23.95
CG MSE B 204 11.90 20.46 -25.12
SE MSE B 204 10.70 18.91 -24.61
CE MSE B 204 12.09 17.61 -25.08
N GLN B 205 13.66 22.65 -21.52
CA GLN B 205 14.67 22.80 -20.45
C GLN B 205 14.09 22.64 -19.06
N ILE B 206 12.86 23.10 -18.87
CA ILE B 206 12.16 22.89 -17.61
C ILE B 206 12.04 21.40 -17.29
N ALA B 207 11.71 20.59 -18.28
CA ALA B 207 11.50 19.15 -18.00
C ALA B 207 12.86 18.46 -17.79
N LEU B 208 13.86 18.89 -18.54
CA LEU B 208 15.19 18.33 -18.42
C LEU B 208 15.84 18.71 -17.07
N ASP B 209 15.68 19.97 -16.65
CA ASP B 209 16.18 20.43 -15.37
C ASP B 209 15.51 19.71 -14.23
N ALA B 210 14.24 19.39 -14.40
CA ALA B 210 13.50 18.62 -13.38
C ALA B 210 13.96 17.17 -13.27
N GLY B 211 14.67 16.67 -14.28
CA GLY B 211 15.19 15.32 -14.28
C GLY B 211 14.20 14.30 -14.81
N VAL B 212 13.22 14.74 -15.60
CA VAL B 212 12.32 13.79 -16.23
C VAL B 212 13.10 12.89 -17.13
N SER B 213 12.86 11.60 -17.01
CA SER B 213 13.62 10.61 -17.76
C SER B 213 13.39 10.55 -19.28
N LYS B 214 12.12 10.50 -19.69
CA LYS B 214 11.75 10.44 -21.09
C LYS B 214 10.62 11.44 -21.27
N ILE B 215 10.73 12.22 -22.37
CA ILE B 215 9.85 13.34 -22.64
C ILE B 215 9.37 13.24 -24.09
N ILE B 216 8.06 13.34 -24.31
CA ILE B 216 7.49 13.27 -25.61
C ILE B 216 6.73 14.56 -25.83
N PRO B 217 7.40 15.56 -26.40
CA PRO B 217 6.68 16.76 -26.65
C PRO B 217 5.75 16.59 -27.90
N HIS B 218 4.56 17.18 -27.83
CA HIS B 218 3.59 17.19 -28.93
C HIS B 218 3.63 18.58 -29.62
N ILE B 219 4.03 18.59 -30.87
CA ILE B 219 4.03 19.82 -31.61
C ILE B 219 3.10 19.71 -32.85
N TYR B 220 1.96 20.40 -32.79
CA TYR B 220 0.93 20.27 -33.80
C TYR B 220 0.80 21.52 -34.70
N SER B 221 -0.15 22.43 -34.47
CA SER B 221 -0.51 23.39 -35.50
C SER B 221 0.63 24.38 -35.87
N SER B 222 1.56 24.61 -34.97
CA SER B 222 2.61 25.59 -35.24
C SER B 222 3.52 25.13 -36.37
N ILE B 223 3.53 23.84 -36.68
CA ILE B 223 4.42 23.31 -37.71
C ILE B 223 3.63 22.65 -38.83
N ILE B 224 2.36 22.94 -38.90
CA ILE B 224 1.50 22.33 -39.91
C ILE B 224 1.13 23.40 -40.98
N ASP B 225 1.33 23.07 -42.23
CA ASP B 225 0.93 23.98 -43.31
C ASP B 225 -0.57 23.81 -43.51
N LYS B 226 -1.34 24.82 -43.16
CA LYS B 226 -2.81 24.71 -43.25
C LYS B 226 -3.33 24.57 -44.69
N ALA B 227 -2.58 25.05 -45.66
CA ALA B 227 -2.92 24.84 -47.05
C ALA B 227 -2.98 23.34 -47.42
N THR B 228 -2.09 22.50 -46.85
CA THR B 228 -2.03 21.07 -47.22
C THR B 228 -2.41 20.11 -46.08
N GLY B 229 -2.57 20.63 -44.86
CA GLY B 229 -2.69 19.77 -43.70
C GLY B 229 -1.43 18.99 -43.30
N ASN B 230 -0.31 19.22 -43.98
CA ASN B 230 0.93 18.49 -43.70
C ASN B 230 1.87 19.15 -42.69
N THR B 231 2.55 18.34 -41.86
CA THR B 231 3.62 18.84 -40.99
C THR B 231 4.84 19.16 -41.82
N ARG B 232 5.41 20.35 -41.64
CA ARG B 232 6.60 20.73 -42.46
C ARG B 232 7.80 19.91 -42.05
N PRO B 233 8.31 19.09 -42.96
CA PRO B 233 9.50 18.34 -42.58
C PRO B 233 10.65 19.21 -42.18
N GLU B 234 10.84 20.37 -42.81
CA GLU B 234 11.98 21.24 -42.42
C GLU B 234 11.84 21.65 -40.94
N ASP B 235 10.61 21.83 -40.45
CA ASP B 235 10.38 22.17 -39.01
C ASP B 235 10.67 20.98 -38.10
N VAL B 236 10.41 19.77 -38.56
CA VAL B 236 10.77 18.56 -37.79
C VAL B 236 12.33 18.52 -37.63
N LYS B 237 13.05 18.88 -38.69
CA LYS B 237 14.51 18.88 -38.65
C LYS B 237 15.02 19.91 -37.65
N THR B 238 14.41 21.10 -37.65
CA THR B 238 14.74 22.13 -36.68
C THR B 238 14.56 21.63 -35.27
N LEU B 239 13.45 20.96 -35.01
CA LEU B 239 13.18 20.44 -33.64
C LEU B 239 14.21 19.40 -33.26
N LEU B 240 14.55 18.53 -34.18
CA LEU B 240 15.65 17.61 -33.94
C LEU B 240 16.94 18.33 -33.59
N ASP B 241 17.32 19.33 -34.40
CA ASP B 241 18.52 20.13 -34.11
C ASP B 241 18.48 20.75 -32.71
N MSE B 242 17.39 21.39 -32.39
CA MSE B 242 17.28 21.95 -31.06
C MSE B 242 17.35 20.85 -29.98
O MSE B 242 17.96 21.07 -28.93
CB MSE B 242 15.98 22.73 -30.87
CG MSE B 242 15.84 24.02 -31.62
SE MSE B 242 14.00 24.65 -31.67
CE MSE B 242 13.87 25.91 -30.24
N THR B 243 16.73 19.67 -30.23
CA THR B 243 16.76 18.60 -29.23
C THR B 243 18.25 18.09 -29.05
N LYS B 244 18.97 17.94 -30.16
CA LYS B 244 20.38 17.52 -30.10
C LYS B 244 21.20 18.52 -29.29
N LYS B 245 20.88 19.82 -29.45
CA LYS B 245 21.58 20.87 -28.73
C LYS B 245 21.28 20.87 -27.24
N LEU B 246 20.00 20.80 -26.91
CA LEU B 246 19.58 20.69 -25.51
C LEU B 246 20.34 19.54 -24.74
N LEU B 247 20.70 18.47 -25.43
CA LEU B 247 21.27 17.29 -24.81
C LEU B 247 22.80 17.16 -25.03
N LEU B 248 23.44 18.29 -25.39
CA LEU B 248 24.89 18.41 -25.55
C LEU B 248 25.21 17.92 -26.96
N SER C 4 33.41 -8.81 4.15
CA SER C 4 33.41 -7.69 5.15
C SER C 4 31.98 -7.26 5.41
N LEU C 5 31.54 -7.29 6.65
CA LEU C 5 30.24 -6.74 7.04
C LEU C 5 30.32 -5.32 7.52
N LYS C 6 31.51 -4.72 7.47
CA LYS C 6 31.64 -3.34 7.93
C LYS C 6 31.87 -2.27 6.82
N ALA C 7 30.94 -1.34 6.69
CA ALA C 7 31.02 -0.25 5.77
C ALA C 7 32.30 0.56 5.98
N ASN C 8 32.81 1.12 4.88
CA ASN C 8 34.10 1.86 4.91
C ASN C 8 33.83 3.32 5.02
N PHE C 9 33.70 3.85 6.22
CA PHE C 9 33.45 5.25 6.41
C PHE C 9 34.70 6.11 6.23
N TYR C 10 34.62 7.16 5.43
CA TYR C 10 35.73 8.10 5.24
C TYR C 10 35.93 8.90 6.53
N LYS C 11 37.13 8.86 7.10
CA LYS C 11 37.44 9.47 8.41
C LYS C 11 36.45 9.04 9.49
N ASN C 12 36.11 7.75 9.44
CA ASN C 12 35.08 7.17 10.28
C ASN C 12 33.84 8.10 10.46
N ARG C 13 33.43 8.80 9.43
CA ARG C 13 32.31 9.73 9.56
C ARG C 13 31.20 9.60 8.48
N VAL C 14 31.61 9.39 7.23
CA VAL C 14 30.72 9.52 6.04
C VAL C 14 30.99 8.36 5.09
N CYS C 15 29.90 7.69 4.71
CA CYS C 15 29.96 6.67 3.62
C CYS C 15 28.85 7.05 2.64
N LEU C 16 29.18 7.17 1.37
CA LEU C 16 28.23 7.51 0.33
C LEU C 16 27.32 6.36 0.02
N ASN C 17 26.06 6.62 -0.21
CA ASN C 17 25.16 5.50 -0.74
C ASN C 17 24.53 5.97 -2.06
N VAL C 18 24.86 5.31 -3.15
CA VAL C 18 24.33 5.63 -4.46
C VAL C 18 23.94 4.37 -5.17
N LEU C 19 23.06 4.50 -6.15
CA LEU C 19 22.57 3.34 -6.90
C LEU C 19 23.52 2.88 -7.97
N ALA C 20 23.53 1.62 -8.27
CA ALA C 20 24.36 1.15 -9.38
C ALA C 20 23.49 0.65 -10.53
N GLY C 21 23.89 0.93 -11.76
CA GLY C 21 23.10 0.54 -12.92
C GLY C 21 23.40 -0.81 -13.49
N SER C 22 24.53 -1.40 -13.04
CA SER C 22 25.01 -2.65 -13.53
C SER C 22 26.15 -2.99 -12.60
N VAL C 23 26.61 -4.24 -12.68
CA VAL C 23 27.80 -4.71 -11.93
C VAL C 23 29.03 -3.88 -12.32
N ASP C 24 29.20 -3.63 -13.62
CA ASP C 24 30.31 -2.75 -14.10
C ASP C 24 30.23 -1.36 -13.56
N ASN C 25 29.02 -0.80 -13.50
CA ASN C 25 28.89 0.52 -12.97
C ASN C 25 29.31 0.55 -11.44
N ALA C 26 28.81 -0.41 -10.65
CA ALA C 26 29.24 -0.68 -9.26
C ALA C 26 30.77 -0.72 -9.10
N ALA C 27 31.50 -1.48 -9.94
CA ALA C 27 32.96 -1.50 -9.88
C ALA C 27 33.54 -0.09 -10.08
N ASP C 28 33.01 0.64 -11.06
CA ASP C 28 33.47 2.01 -11.38
C ASP C 28 33.20 2.99 -10.24
N ILE C 29 32.01 2.87 -9.65
CA ILE C 29 31.63 3.69 -8.50
C ILE C 29 32.51 3.37 -7.27
N TYR C 30 32.69 2.08 -6.99
CA TYR C 30 33.58 1.68 -5.90
C TYR C 30 34.99 2.31 -6.08
N ASP C 31 35.50 2.31 -7.30
CA ASP C 31 36.82 2.93 -7.56
C ASP C 31 36.79 4.46 -7.37
N ALA C 32 35.74 5.10 -7.90
CA ALA C 32 35.61 6.53 -7.83
C ALA C 32 35.55 7.06 -6.38
N ALA C 33 34.89 6.32 -5.50
CA ALA C 33 34.72 6.68 -4.11
C ALA C 33 35.85 6.21 -3.22
N GLU C 34 36.91 5.64 -3.84
CA GLU C 34 38.01 5.03 -3.14
C GLU C 34 37.47 4.15 -2.02
N GLY C 35 36.43 3.38 -2.32
CA GLY C 35 35.91 2.40 -1.39
C GLY C 35 34.95 2.97 -0.38
N HIS C 36 34.83 4.27 -0.29
CA HIS C 36 33.97 4.86 0.77
C HIS C 36 32.55 5.01 0.33
N VAL C 37 31.91 3.90 0.04
CA VAL C 37 30.61 3.92 -0.58
C VAL C 37 29.87 2.61 -0.38
N LEU C 38 28.57 2.67 -0.54
CA LEU C 38 27.71 1.53 -0.53
C LEU C 38 26.86 1.64 -1.77
N VAL C 39 26.90 0.57 -2.57
CA VAL C 39 26.18 0.51 -3.83
C VAL C 39 24.81 -0.14 -3.64
N GLY C 40 23.78 0.58 -4.03
CA GLY C 40 22.43 0.15 -3.91
C GLY C 40 21.90 -0.67 -5.08
N VAL C 41 21.32 -1.80 -4.76
CA VAL C 41 20.63 -2.66 -5.68
C VAL C 41 19.22 -2.86 -5.09
N LEU C 42 18.20 -2.78 -5.94
CA LEU C 42 16.79 -2.72 -5.43
C LEU C 42 15.97 -4.01 -5.67
N SER C 43 15.32 -4.47 -4.62
CA SER C 43 14.58 -5.68 -4.70
C SER C 43 13.44 -5.55 -5.75
N LYS C 44 12.88 -4.35 -5.95
CA LYS C 44 11.75 -4.13 -6.90
C LYS C 44 12.17 -4.44 -8.31
N ASN C 45 13.47 -4.44 -8.57
CA ASN C 45 13.95 -4.78 -9.91
C ASN C 45 14.09 -6.25 -10.21
N TYR C 46 13.58 -7.12 -9.34
CA TYR C 46 13.69 -8.56 -9.47
C TYR C 46 12.35 -9.22 -9.17
N PRO C 47 12.09 -10.37 -9.79
CA PRO C 47 10.82 -11.08 -9.68
C PRO C 47 10.68 -11.82 -8.35
N ASP C 48 11.79 -12.30 -7.81
CA ASP C 48 11.69 -13.14 -6.62
C ASP C 48 13.01 -13.08 -5.83
N VAL C 49 13.01 -13.60 -4.62
CA VAL C 49 14.16 -13.54 -3.75
C VAL C 49 15.38 -14.20 -4.42
N ASP C 50 15.21 -15.40 -4.96
CA ASP C 50 16.36 -16.12 -5.53
C ASP C 50 17.06 -15.37 -6.64
N THR C 51 16.29 -14.76 -7.54
CA THR C 51 16.88 -13.98 -8.66
C THR C 51 17.70 -12.75 -8.08
N ALA C 52 17.09 -12.03 -7.14
CA ALA C 52 17.74 -10.92 -6.51
C ALA C 52 19.09 -11.34 -5.83
N VAL C 53 19.07 -12.43 -5.08
CA VAL C 53 20.28 -12.89 -4.37
C VAL C 53 21.44 -13.25 -5.35
N GLU C 54 21.09 -14.01 -6.38
CA GLU C 54 22.10 -14.45 -7.33
C GLU C 54 22.77 -13.23 -7.93
N ASP C 55 22.00 -12.22 -8.30
CA ASP C 55 22.60 -11.00 -8.94
C ASP C 55 23.34 -10.14 -7.94
N MSE C 56 22.76 -9.92 -6.77
CA MSE C 56 23.42 -9.09 -5.79
C MSE C 56 24.75 -9.65 -5.34
O MSE C 56 25.66 -8.93 -4.93
CB MSE C 56 22.48 -8.84 -4.64
CG MSE C 56 21.27 -8.05 -5.09
SE MSE C 56 20.17 -7.36 -3.61
CE MSE C 56 18.64 -6.61 -4.64
N LYS C 57 24.89 -10.97 -5.40
CA LYS C 57 26.19 -11.54 -5.04
C LYS C 57 27.23 -11.08 -6.01
N LYS C 58 26.85 -10.83 -7.25
CA LYS C 58 27.80 -10.36 -8.27
C LYS C 58 28.26 -8.93 -7.99
N TYR C 59 27.33 -8.13 -7.48
CA TYR C 59 27.65 -6.80 -7.05
C TYR C 59 28.62 -6.85 -5.85
N SER C 60 28.37 -7.75 -4.93
CA SER C 60 29.17 -7.87 -3.74
C SER C 60 30.61 -8.28 -4.11
N GLU C 61 30.76 -9.13 -5.12
CA GLU C 61 32.07 -9.51 -5.57
C GLU C 61 32.96 -8.36 -6.08
N VAL C 62 32.38 -7.30 -6.66
CA VAL C 62 33.22 -6.20 -7.28
C VAL C 62 33.28 -5.00 -6.36
N THR C 63 32.69 -5.12 -5.16
CA THR C 63 32.69 -4.01 -4.21
C THR C 63 33.17 -4.43 -2.76
N ASN C 64 33.81 -5.60 -2.66
CA ASN C 64 34.18 -6.15 -1.32
C ASN C 64 32.97 -6.15 -0.36
N ASN C 65 31.83 -6.46 -0.92
CA ASN C 65 30.55 -6.56 -0.20
C ASN C 65 29.98 -5.23 0.22
N ALA C 66 30.41 -4.11 -0.41
CA ALA C 66 29.84 -2.81 -0.05
C ALA C 66 28.48 -2.60 -0.77
N VAL C 67 27.50 -3.44 -0.47
CA VAL C 67 26.26 -3.48 -1.14
C VAL C 67 25.18 -2.98 -0.16
N SER C 68 24.21 -2.24 -0.69
CA SER C 68 23.04 -1.81 0.14
C SER C 68 21.78 -2.37 -0.52
N VAL C 69 21.03 -3.20 0.17
CA VAL C 69 19.88 -3.81 -0.35
C VAL C 69 18.73 -2.85 -0.12
N GLY C 70 18.08 -2.49 -1.22
CA GLY C 70 17.03 -1.53 -1.18
C GLY C 70 15.67 -2.04 -1.56
N LEU C 71 14.65 -1.27 -1.18
CA LEU C 71 13.29 -1.61 -1.48
C LEU C 71 13.00 -1.26 -2.92
N GLY C 72 13.19 0.00 -3.29
CA GLY C 72 12.91 0.38 -4.65
C GLY C 72 11.60 1.15 -4.78
N ALA C 73 11.71 2.36 -5.33
CA ALA C 73 10.51 3.17 -5.64
C ALA C 73 9.77 3.54 -4.35
N GLY C 74 10.48 3.60 -3.22
CA GLY C 74 9.80 3.87 -1.97
C GLY C 74 8.65 2.87 -1.67
N ASP C 75 8.71 1.63 -2.13
CA ASP C 75 7.55 0.70 -1.98
C ASP C 75 7.64 -0.16 -0.72
N PRO C 76 6.73 0.04 0.26
CA PRO C 76 6.81 -0.69 1.54
C PRO C 76 6.53 -2.16 1.37
N ASN C 77 5.85 -2.50 0.28
CA ASN C 77 5.48 -3.89 0.05
C ASN C 77 6.67 -4.77 -0.39
N GLN C 78 7.86 -4.15 -0.49
CA GLN C 78 9.08 -4.88 -0.81
C GLN C 78 9.83 -5.18 0.54
N SER C 79 9.25 -4.79 1.66
CA SER C 79 9.93 -4.97 2.99
C SER C 79 10.33 -6.41 3.32
N MSE C 80 9.42 -7.34 3.26
CA MSE C 80 9.77 -8.73 3.62
C MSE C 80 10.76 -9.28 2.59
O MSE C 80 11.71 -9.99 2.97
CB MSE C 80 8.55 -9.61 3.68
CG MSE C 80 8.91 -11.06 3.90
SE MSE C 80 9.81 -11.27 5.76
CE MSE C 80 8.17 -10.82 6.82
N MSE C 81 10.58 -8.98 1.30
CA MSE C 81 11.52 -9.44 0.33
C MSE C 81 12.94 -8.95 0.60
O MSE C 81 13.92 -9.68 0.39
CB MSE C 81 11.09 -8.97 -1.11
CG MSE C 81 12.02 -9.45 -2.11
SE MSE C 81 11.05 -9.31 -3.85
CE MSE C 81 12.58 -9.88 -5.06
N VAL C 82 13.07 -7.73 1.09
CA VAL C 82 14.41 -7.17 1.47
C VAL C 82 14.96 -7.94 2.67
N SER C 83 14.11 -8.25 3.65
CA SER C 83 14.56 -9.07 4.75
C SER C 83 15.08 -10.44 4.34
N LEU C 84 14.32 -11.09 3.45
CA LEU C 84 14.71 -12.42 2.91
C LEU C 84 15.98 -12.37 2.02
N ILE C 85 16.08 -11.43 1.08
CA ILE C 85 17.32 -11.29 0.29
C ILE C 85 18.52 -11.05 1.20
N SER C 86 18.36 -10.15 2.17
CA SER C 86 19.49 -9.80 3.07
C SER C 86 19.99 -10.96 3.89
N GLN C 87 19.09 -11.83 4.30
CA GLN C 87 19.48 -12.97 5.07
C GLN C 87 20.52 -13.79 4.23
N HIS C 88 20.33 -13.87 2.93
CA HIS C 88 21.23 -14.73 2.13
C HIS C 88 22.38 -13.95 1.57
N VAL C 89 22.16 -12.68 1.28
CA VAL C 89 23.28 -11.86 0.74
C VAL C 89 24.29 -11.49 1.83
N GLN C 90 23.83 -11.24 3.05
CA GLN C 90 24.70 -10.75 4.14
C GLN C 90 25.48 -9.46 3.69
N PRO C 91 24.74 -8.41 3.34
CA PRO C 91 25.30 -7.14 2.88
C PRO C 91 25.80 -6.25 4.00
N GLN C 92 26.63 -5.27 3.67
CA GLN C 92 26.94 -4.25 4.59
C GLN C 92 25.77 -3.40 5.03
N HIS C 93 24.74 -3.23 4.23
CA HIS C 93 23.75 -2.23 4.50
C HIS C 93 22.38 -2.71 4.01
N ILE C 94 21.37 -2.47 4.80
CA ILE C 94 20.03 -2.89 4.46
C ILE C 94 19.09 -1.69 4.67
N ASN C 95 18.17 -1.41 3.74
CA ASN C 95 17.19 -0.32 3.88
C ASN C 95 15.93 -0.97 4.34
N GLN C 96 15.25 -0.39 5.32
CA GLN C 96 14.00 -0.94 5.68
C GLN C 96 13.00 0.17 6.00
N VAL C 97 11.73 -0.23 6.05
CA VAL C 97 10.69 0.61 6.52
C VAL C 97 10.62 0.33 8.01
N PHE C 98 9.89 1.16 8.75
CA PHE C 98 9.97 1.21 10.18
C PHE C 98 9.58 -0.17 10.78
N THR C 99 8.66 -0.83 10.11
CA THR C 99 8.07 -2.09 10.57
C THR C 99 8.83 -3.28 10.05
N GLY C 100 9.94 -3.03 9.33
CA GLY C 100 10.78 -4.10 8.87
C GLY C 100 12.17 -4.16 9.46
N VAL C 101 12.51 -3.21 10.31
CA VAL C 101 13.85 -3.13 10.93
C VAL C 101 14.24 -4.37 11.72
N ALA C 102 13.36 -4.74 12.65
CA ALA C 102 13.53 -5.90 13.49
C ALA C 102 13.59 -7.19 12.75
N THR C 103 12.73 -7.35 11.74
CA THR C 103 12.74 -8.59 10.91
C THR C 103 14.09 -8.73 10.21
N SER C 104 14.54 -7.64 9.59
CA SER C 104 15.84 -7.62 8.91
C SER C 104 16.97 -7.91 9.85
N ARG C 105 17.00 -7.30 11.02
CA ARG C 105 18.03 -7.63 11.99
C ARG C 105 18.05 -9.11 12.41
N ALA C 106 16.87 -9.64 12.69
CA ALA C 106 16.77 -11.01 13.17
C ALA C 106 17.20 -11.93 12.10
N LEU C 107 16.73 -11.70 10.85
CA LEU C 107 17.07 -12.64 9.78
C LEU C 107 18.52 -12.48 9.32
N ALA C 108 19.10 -11.27 9.40
CA ALA C 108 20.49 -11.10 9.16
C ALA C 108 21.28 -12.01 10.08
N GLY C 109 20.90 -12.08 11.37
CA GLY C 109 21.57 -12.97 12.31
C GLY C 109 22.85 -12.44 12.94
N GLN C 110 23.23 -11.20 12.63
CA GLN C 110 24.32 -10.57 13.31
C GLN C 110 24.07 -9.09 13.46
N ASP C 111 24.98 -8.39 14.14
CA ASP C 111 24.72 -7.01 14.53
C ASP C 111 25.67 -6.09 13.78
N LYS C 112 26.34 -6.63 12.78
CA LYS C 112 27.31 -5.84 12.01
C LYS C 112 26.66 -5.09 10.86
N SER C 113 25.75 -5.76 10.11
CA SER C 113 25.10 -5.15 8.90
C SER C 113 24.37 -3.88 9.42
N ILE C 114 24.45 -2.78 8.69
CA ILE C 114 23.70 -1.59 9.08
C ILE C 114 22.24 -1.72 8.61
N VAL C 115 21.28 -1.61 9.49
CA VAL C 115 19.91 -1.65 9.10
C VAL C 115 19.27 -0.31 9.40
N ASN C 116 18.82 0.40 8.35
CA ASN C 116 18.15 1.69 8.58
C ASN C 116 16.68 1.52 8.72
N GLY C 117 16.03 2.61 9.15
CA GLY C 117 14.59 2.64 9.34
C GLY C 117 14.02 3.93 8.79
N LEU C 118 13.13 3.83 7.85
CA LEU C 118 12.51 4.98 7.23
C LEU C 118 11.50 5.68 8.16
N ILE C 119 11.77 6.95 8.39
CA ILE C 119 10.81 7.87 9.02
C ILE C 119 10.79 9.16 8.26
N SER C 120 9.63 9.86 8.36
CA SER C 120 9.35 10.91 7.40
C SER C 120 8.97 12.22 8.07
N PRO C 121 9.34 13.36 7.44
CA PRO C 121 8.84 14.71 7.82
C PRO C 121 7.34 14.77 7.91
N THR C 122 6.84 15.70 8.73
CA THR C 122 5.44 15.87 8.96
C THR C 122 4.94 17.29 8.69
N GLY C 123 5.84 18.26 8.65
CA GLY C 123 5.49 19.69 8.69
C GLY C 123 5.69 20.33 10.05
N THR C 124 5.92 19.52 11.06
CA THR C 124 6.09 20.02 12.43
C THR C 124 7.46 19.61 12.97
N VAL C 125 8.33 20.56 13.28
CA VAL C 125 9.71 20.29 13.73
C VAL C 125 9.70 19.41 14.99
N GLY C 126 10.51 18.35 14.97
CA GLY C 126 10.55 17.36 16.08
C GLY C 126 9.48 16.25 16.14
N MSE C 127 8.60 16.21 15.15
CA MSE C 127 7.60 15.16 15.00
C MSE C 127 7.93 14.42 13.68
O MSE C 127 8.34 15.05 12.70
CB MSE C 127 6.18 15.70 14.97
CG MSE C 127 5.71 16.42 16.22
SE MSE C 127 5.77 15.34 17.88
CE MSE C 127 4.25 14.13 17.60
N VAL C 128 7.76 13.09 13.68
CA VAL C 128 8.05 12.26 12.52
C VAL C 128 6.97 11.20 12.31
N LYS C 129 6.79 10.79 11.06
CA LYS C 129 5.79 9.82 10.74
C LYS C 129 6.53 8.48 10.66
N ILE C 130 5.99 7.51 11.38
CA ILE C 130 6.62 6.23 11.47
C ILE C 130 5.78 5.14 10.89
N SER C 131 4.57 5.46 10.42
CA SER C 131 3.73 4.49 9.81
C SER C 131 4.12 4.26 8.37
N THR C 132 5.27 3.58 8.15
CA THR C 132 5.83 3.41 6.83
C THR C 132 5.85 2.00 6.24
N GLY C 133 5.11 1.08 6.85
CA GLY C 133 5.05 -0.30 6.48
C GLY C 133 3.94 -0.51 5.45
N PRO C 134 3.76 -1.73 4.95
CA PRO C 134 2.80 -2.00 3.88
C PRO C 134 1.37 -1.60 4.26
N LEU C 135 0.86 -2.16 5.32
CA LEU C 135 -0.45 -1.74 5.75
C LEU C 135 -0.54 -0.39 6.45
N SER C 136 0.41 -0.07 7.31
CA SER C 136 0.39 1.16 8.10
C SER C 136 0.54 2.42 7.20
N SER C 137 1.19 2.25 6.06
CA SER C 137 1.32 3.37 5.09
C SER C 137 0.00 3.78 4.49
N ARG C 138 -1.01 2.94 4.65
CA ARG C 138 -2.33 3.20 4.10
C ARG C 138 -3.32 3.53 5.17
N SER C 139 -2.87 3.63 6.42
CA SER C 139 -3.72 4.07 7.53
C SER C 139 -3.39 5.49 7.87
N GLU C 140 -4.20 6.04 8.75
CA GLU C 140 -3.99 7.37 9.28
C GLU C 140 -2.58 7.48 9.87
N ASP C 141 -1.91 8.61 9.69
CA ASP C 141 -0.49 8.72 10.04
C ASP C 141 -0.21 8.55 11.52
N ALA C 142 0.93 7.89 11.82
CA ALA C 142 1.46 7.76 13.16
C ALA C 142 2.56 8.78 13.32
N ILE C 143 2.31 9.80 14.14
CA ILE C 143 3.18 10.93 14.24
C ILE C 143 3.69 10.96 15.66
N VAL C 144 4.99 10.82 15.80
CA VAL C 144 5.60 10.65 17.10
C VAL C 144 6.82 11.55 17.27
N PRO C 145 7.22 11.81 18.51
CA PRO C 145 8.39 12.61 18.73
C PRO C 145 9.62 11.93 18.20
N VAL C 146 10.51 12.70 17.61
CA VAL C 146 11.69 12.12 16.97
C VAL C 146 12.60 11.36 17.93
N GLU C 147 12.63 11.81 19.16
CA GLU C 147 13.41 11.12 20.19
C GLU C 147 12.86 9.74 20.45
N THR C 148 11.55 9.63 20.52
CA THR C 148 10.95 8.37 20.76
C THR C 148 11.08 7.46 19.52
N ALA C 149 10.97 8.00 18.30
CA ALA C 149 11.16 7.18 17.11
C ALA C 149 12.53 6.51 17.17
N ILE C 150 13.56 7.30 17.50
CA ILE C 150 14.91 6.79 17.58
C ILE C 150 15.08 5.69 18.63
N ALA C 151 14.54 5.89 19.81
CA ALA C 151 14.54 4.86 20.87
C ALA C 151 13.89 3.52 20.37
N MSE C 152 12.79 3.63 19.65
CA MSE C 152 12.06 2.48 19.08
C MSE C 152 12.93 1.77 18.03
O MSE C 152 13.07 0.55 17.98
CB MSE C 152 10.70 2.95 18.52
CG MSE C 152 9.78 3.40 19.54
SE MSE C 152 8.00 3.97 18.86
CE MSE C 152 7.24 2.20 18.59
N LEU C 153 13.64 2.54 17.25
CA LEU C 153 14.55 1.92 16.26
C LEU C 153 15.66 1.19 16.92
N LYS C 154 16.26 1.79 17.96
CA LYS C 154 17.30 1.12 18.70
C LYS C 154 16.72 -0.16 19.33
N ASP C 155 15.55 -0.03 19.93
CA ASP C 155 14.89 -1.22 20.54
C ASP C 155 14.65 -2.34 19.51
N MSE C 156 14.45 -2.01 18.23
CA MSE C 156 14.16 -3.01 17.20
C MSE C 156 15.39 -3.47 16.46
O MSE C 156 15.29 -4.22 15.53
CB MSE C 156 13.09 -2.46 16.23
CG MSE C 156 11.80 -2.14 17.00
SE MSE C 156 10.29 -1.56 15.87
CE MSE C 156 11.31 -0.15 14.98
N GLY C 157 16.55 -3.05 16.91
CA GLY C 157 17.78 -3.57 16.38
C GLY C 157 18.37 -2.71 15.27
N GLY C 158 17.81 -1.55 15.11
CA GLY C 158 18.24 -0.68 14.04
C GLY C 158 19.53 0.08 14.32
N SER C 159 20.16 0.56 13.24
CA SER C 159 21.43 1.23 13.30
C SER C 159 21.32 2.72 13.02
N SER C 160 20.36 3.10 12.20
CA SER C 160 20.33 4.46 11.69
C SER C 160 18.92 4.86 11.30
N VAL C 161 18.69 6.15 11.20
CA VAL C 161 17.45 6.71 10.75
C VAL C 161 17.61 6.99 9.27
N LYS C 162 16.72 6.50 8.42
CA LYS C 162 16.63 7.03 7.05
C LYS C 162 15.55 8.08 6.97
N TYR C 163 15.99 9.29 6.67
CA TYR C 163 15.04 10.42 6.67
C TYR C 163 14.65 10.76 5.26
N PHE C 164 13.39 10.52 4.96
CA PHE C 164 12.88 10.61 3.61
C PHE C 164 11.37 10.76 3.60
N PRO C 165 10.83 11.63 2.71
CA PRO C 165 11.57 12.40 1.68
C PRO C 165 11.96 13.75 2.16
N MSE C 166 13.23 14.07 2.03
CA MSE C 166 13.70 15.36 2.49
C MSE C 166 13.40 16.55 1.58
O MSE C 166 13.23 17.67 2.05
CB MSE C 166 15.20 15.28 2.65
CG MSE C 166 15.64 15.84 3.94
SE MSE C 166 17.26 14.92 4.28
CE MSE C 166 18.30 15.84 2.95
N GLY C 167 13.41 16.31 0.28
CA GLY C 167 13.20 17.34 -0.70
C GLY C 167 14.36 18.33 -0.72
N GLY C 168 15.59 17.84 -0.56
CA GLY C 168 16.77 18.72 -0.43
C GLY C 168 16.79 19.53 0.85
N LEU C 169 16.69 20.86 0.70
CA LEU C 169 16.76 21.77 1.83
C LEU C 169 15.37 22.29 2.20
N GLU C 170 14.36 21.77 1.52
CA GLU C 170 12.97 22.10 1.81
C GLU C 170 12.52 21.73 3.23
N THR C 171 13.19 20.76 3.88
CA THR C 171 12.77 20.34 5.23
C THR C 171 13.88 20.67 6.23
N ARG C 172 14.66 21.70 5.93
CA ARG C 172 15.90 21.99 6.60
C ARG C 172 15.82 22.08 8.10
N GLU C 173 14.73 22.59 8.64
CA GLU C 173 14.57 22.67 10.09
C GLU C 173 14.07 21.40 10.74
N GLU C 174 13.16 20.72 10.08
CA GLU C 174 12.79 19.42 10.55
C GLU C 174 14.07 18.53 10.61
N PHE C 175 14.90 18.61 9.57
CA PHE C 175 16.10 17.76 9.44
C PHE C 175 17.08 18.09 10.51
N ALA C 176 17.23 19.41 10.79
CA ALA C 176 18.20 19.83 11.78
C ALA C 176 17.80 19.22 13.09
N CYS C 177 16.50 19.22 13.36
CA CYS C 177 16.02 18.64 14.60
C CYS C 177 16.28 17.14 14.65
N VAL C 178 16.08 16.46 13.52
CA VAL C 178 16.40 15.04 13.47
C VAL C 178 17.88 14.78 13.75
N ALA C 179 18.76 15.55 13.10
CA ALA C 179 20.20 15.45 13.29
C ALA C 179 20.63 15.65 14.72
N LYS C 180 20.05 16.66 15.37
CA LYS C 180 20.31 16.91 16.81
C LYS C 180 19.97 15.67 17.67
N ALA C 181 18.76 15.16 17.49
CA ALA C 181 18.34 13.96 18.22
C ALA C 181 19.31 12.81 17.92
N CYS C 182 19.61 12.56 16.66
CA CYS C 182 20.55 11.48 16.37
C CYS C 182 21.86 11.59 17.17
N ALA C 183 22.51 12.74 17.10
CA ALA C 183 23.69 13.03 17.87
C ALA C 183 23.47 12.87 19.39
N ASP C 184 22.35 13.40 19.93
CA ASP C 184 22.08 13.30 21.37
CA ASP C 184 22.02 13.28 21.38
C ASP C 184 21.86 11.84 21.82
N LYS C 185 21.30 11.01 20.94
CA LYS C 185 21.05 9.61 21.26
C LYS C 185 22.08 8.64 20.63
N ASP C 186 23.16 9.17 20.09
CA ASP C 186 24.23 8.29 19.66
C ASP C 186 23.78 7.35 18.53
N PHE C 187 23.03 7.90 17.55
CA PHE C 187 22.43 7.09 16.49
C PHE C 187 22.92 7.68 15.18
N TRP C 188 22.86 6.85 14.13
CA TRP C 188 23.38 7.28 12.84
C TRP C 188 22.28 7.86 11.99
N LEU C 189 22.65 8.56 10.91
CA LEU C 189 21.65 9.27 10.09
C LEU C 189 21.91 9.12 8.59
N GLU C 190 20.82 8.91 7.83
CA GLU C 190 20.90 8.68 6.38
C GLU C 190 20.00 9.68 5.67
N PRO C 191 20.58 10.85 5.35
CA PRO C 191 19.78 11.82 4.60
C PRO C 191 19.46 11.37 3.19
N THR C 192 18.21 11.47 2.78
CA THR C 192 17.75 10.94 1.54
C THR C 192 16.58 11.75 0.92
N GLY C 193 16.71 12.05 -0.37
CA GLY C 193 15.64 12.68 -1.09
C GLY C 193 16.10 14.06 -1.52
N GLY C 194 16.26 14.22 -2.83
CA GLY C 194 16.51 15.53 -3.40
C GLY C 194 17.92 16.03 -3.17
N ILE C 195 18.84 15.14 -2.82
CA ILE C 195 20.24 15.57 -2.64
C ILE C 195 20.95 15.61 -4.03
N ASP C 196 21.57 16.76 -4.34
CA ASP C 196 22.31 16.89 -5.58
C ASP C 196 23.67 17.52 -5.27
N LEU C 197 24.52 17.57 -6.28
CA LEU C 197 25.85 18.12 -6.09
C LEU C 197 25.82 19.58 -5.53
N GLU C 198 24.77 20.34 -5.85
CA GLU C 198 24.70 21.74 -5.51
C GLU C 198 24.25 21.96 -4.06
N ASN C 199 23.51 21.01 -3.47
CA ASN C 199 23.06 21.15 -2.05
C ASN C 199 23.74 20.15 -1.09
N TYR C 200 24.58 19.27 -1.62
CA TYR C 200 25.21 18.23 -0.79
C TYR C 200 25.94 18.83 0.36
N GLU C 201 26.76 19.86 0.12
CA GLU C 201 27.55 20.44 1.16
C GLU C 201 26.73 21.09 2.25
N GLU C 202 25.70 21.81 1.90
CA GLU C 202 24.93 22.52 2.90
C GLU C 202 24.15 21.51 3.77
N ILE C 203 23.59 20.50 3.11
CA ILE C 203 22.85 19.47 3.85
C ILE C 203 23.77 18.73 4.80
N MSE C 204 24.92 18.26 4.30
CA MSE C 204 25.89 17.52 5.13
C MSE C 204 26.38 18.39 6.32
O MSE C 204 26.67 17.87 7.40
CB MSE C 204 27.09 17.02 4.35
CG MSE C 204 26.86 15.93 3.31
SE MSE C 204 26.09 14.37 4.27
CE MSE C 204 27.76 13.71 4.89
N GLN C 205 26.49 19.69 6.13
CA GLN C 205 27.05 20.52 7.17
C GLN C 205 26.13 20.53 8.34
N ILE C 206 24.82 20.56 8.10
CA ILE C 206 23.81 20.55 9.16
C ILE C 206 23.99 19.32 10.04
N ALA C 207 24.25 18.17 9.42
CA ALA C 207 24.47 16.95 10.19
C ALA C 207 25.81 16.90 10.94
N LEU C 208 26.87 17.42 10.31
CA LEU C 208 28.18 17.43 10.95
C LEU C 208 28.20 18.43 12.17
N ASP C 209 27.55 19.58 12.01
CA ASP C 209 27.45 20.59 13.07
C ASP C 209 26.61 20.10 14.21
N ALA C 210 25.52 19.39 13.90
CA ALA C 210 24.73 18.75 14.93
C ALA C 210 25.55 17.72 15.67
N GLY C 211 26.68 17.30 15.11
CA GLY C 211 27.53 16.31 15.75
C GLY C 211 27.18 14.83 15.51
N VAL C 212 26.34 14.54 14.51
CA VAL C 212 26.07 13.16 14.13
C VAL C 212 27.34 12.38 13.81
N SER C 213 27.48 11.21 14.41
CA SER C 213 28.74 10.51 14.33
C SER C 213 29.01 9.73 13.05
N LYS C 214 28.00 9.07 12.46
CA LYS C 214 28.14 8.43 11.14
C LYS C 214 26.97 8.92 10.30
N ILE C 215 27.27 9.33 9.07
CA ILE C 215 26.27 9.88 8.19
C ILE C 215 26.40 9.08 6.86
N ILE C 216 25.26 8.63 6.29
CA ILE C 216 25.23 7.93 4.99
C ILE C 216 24.27 8.62 4.12
N PRO C 217 24.75 9.59 3.36
CA PRO C 217 23.84 10.30 2.51
C PRO C 217 23.46 9.44 1.33
N HIS C 218 22.21 9.48 0.91
CA HIS C 218 21.85 8.82 -0.30
C HIS C 218 21.72 9.76 -1.44
N ILE C 219 22.43 9.52 -2.53
CA ILE C 219 22.37 10.40 -3.70
C ILE C 219 21.98 9.59 -4.91
N TYR C 220 20.76 9.78 -5.39
CA TYR C 220 20.20 8.92 -6.44
C TYR C 220 20.08 9.58 -7.81
N SER C 221 18.88 10.03 -8.20
CA SER C 221 18.62 10.46 -9.56
C SER C 221 19.51 11.61 -10.05
N SER C 222 19.90 12.46 -9.12
CA SER C 222 20.59 13.66 -9.48
C SER C 222 21.98 13.35 -10.09
N ILE C 223 22.47 12.13 -9.90
CA ILE C 223 23.81 11.74 -10.39
C ILE C 223 23.78 10.57 -11.33
N ILE C 224 22.58 10.28 -11.84
CA ILE C 224 22.39 9.20 -12.74
C ILE C 224 22.22 9.72 -14.15
N ASP C 225 22.98 9.13 -15.07
CA ASP C 225 22.96 9.50 -16.47
C ASP C 225 21.69 8.91 -17.03
N LYS C 226 20.66 9.76 -17.29
CA LYS C 226 19.31 9.24 -17.63
C LYS C 226 19.31 8.43 -18.91
N ALA C 227 20.23 8.71 -19.81
CA ALA C 227 20.33 7.96 -21.07
C ALA C 227 20.68 6.51 -20.80
N THR C 228 21.59 6.24 -19.87
CA THR C 228 22.05 4.87 -19.65
C THR C 228 21.55 4.15 -18.39
N GLY C 229 21.03 4.90 -17.38
CA GLY C 229 20.74 4.35 -16.04
C GLY C 229 21.96 4.14 -15.13
N ASN C 230 23.14 4.56 -15.59
CA ASN C 230 24.39 4.50 -14.81
C ASN C 230 24.62 5.73 -13.95
N THR C 231 25.06 5.47 -12.71
CA THR C 231 25.48 6.49 -11.81
C THR C 231 26.82 6.97 -12.30
N ARG C 232 26.98 8.28 -12.40
CA ARG C 232 28.17 8.85 -13.05
C ARG C 232 29.41 8.71 -12.13
N PRO C 233 30.37 7.88 -12.51
CA PRO C 233 31.54 7.78 -11.65
C PRO C 233 32.20 9.15 -11.36
N GLU C 234 32.20 10.05 -12.33
CA GLU C 234 32.86 11.33 -12.09
C GLU C 234 32.05 12.12 -11.04
N ASP C 235 30.73 11.88 -10.93
CA ASP C 235 29.95 12.57 -9.90
C ASP C 235 30.23 11.98 -8.47
N VAL C 236 30.45 10.68 -8.41
CA VAL C 236 30.81 10.05 -7.16
C VAL C 236 32.16 10.67 -6.72
N LYS C 237 33.02 10.90 -7.66
CA LYS C 237 34.33 11.51 -7.31
C LYS C 237 34.18 12.91 -6.80
N THR C 238 33.32 13.70 -7.40
CA THR C 238 33.02 15.04 -6.91
C THR C 238 32.43 14.98 -5.53
N LEU C 239 31.61 13.95 -5.24
CA LEU C 239 31.03 13.78 -3.91
C LEU C 239 32.09 13.41 -2.91
N LEU C 240 33.04 12.59 -3.31
CA LEU C 240 34.12 12.20 -2.42
C LEU C 240 34.98 13.45 -2.10
N ASP C 241 35.42 14.18 -3.12
CA ASP C 241 36.20 15.41 -2.84
C ASP C 241 35.46 16.44 -1.94
N MSE C 242 34.16 16.69 -2.18
CA MSE C 242 33.40 17.60 -1.34
C MSE C 242 33.32 17.08 0.08
O MSE C 242 33.26 17.87 1.02
CB MSE C 242 31.97 17.77 -1.82
CG MSE C 242 31.78 18.45 -3.13
SE MSE C 242 29.81 18.59 -3.56
CE MSE C 242 30.09 19.86 -5.10
N THR C 243 33.31 15.76 0.25
CA THR C 243 33.30 15.14 1.58
C THR C 243 34.67 15.39 2.26
N LYS C 244 35.78 15.17 1.53
CA LYS C 244 37.10 15.46 2.03
C LYS C 244 37.26 16.89 2.49
N LYS C 245 36.84 17.85 1.67
CA LYS C 245 36.78 19.26 2.08
C LYS C 245 35.89 19.50 3.30
N LEU C 246 34.75 18.80 3.40
CA LEU C 246 33.84 19.02 4.50
C LEU C 246 34.58 18.67 5.78
N LEU C 247 35.37 17.62 5.77
CA LEU C 247 35.95 17.11 7.01
C LEU C 247 37.42 17.55 7.23
N LEU C 248 37.90 18.48 6.40
CA LEU C 248 39.22 19.10 6.57
C LEU C 248 39.02 20.54 7.02
N SER D 4 2.85 -28.47 18.15
CA SER D 4 1.48 -28.26 18.72
C SER D 4 1.24 -26.79 19.11
N LEU D 5 0.97 -25.96 18.10
CA LEU D 5 1.12 -24.51 18.22
C LEU D 5 -0.20 -23.70 18.33
N LYS D 6 -1.32 -24.41 18.36
CA LYS D 6 -2.62 -23.81 18.20
C LYS D 6 -3.39 -23.81 19.52
N ALA D 7 -3.59 -22.62 20.08
CA ALA D 7 -4.28 -22.50 21.35
C ALA D 7 -5.76 -22.92 21.22
N ASN D 8 -6.21 -23.70 22.17
CA ASN D 8 -7.55 -24.30 22.16
C ASN D 8 -8.58 -23.26 22.62
N PHE D 9 -9.08 -22.43 21.71
CA PHE D 9 -10.09 -21.42 22.10
C PHE D 9 -11.42 -22.13 22.28
N TYR D 10 -12.20 -21.67 23.24
CA TYR D 10 -13.47 -22.30 23.54
C TYR D 10 -14.43 -21.67 22.57
N LYS D 11 -15.07 -22.49 21.71
CA LYS D 11 -15.93 -22.02 20.60
C LYS D 11 -15.22 -20.93 19.77
N ASN D 12 -13.92 -21.12 19.54
CA ASN D 12 -13.06 -20.18 18.79
C ASN D 12 -13.23 -18.72 19.13
N ARG D 13 -13.66 -18.43 20.35
CA ARG D 13 -13.79 -17.05 20.75
C ARG D 13 -12.95 -16.60 21.97
N VAL D 14 -12.86 -17.43 23.02
CA VAL D 14 -12.17 -17.04 24.25
C VAL D 14 -11.16 -18.10 24.76
N CYS D 15 -9.96 -17.61 25.11
CA CYS D 15 -8.93 -18.46 25.73
C CYS D 15 -8.30 -17.71 26.91
N LEU D 16 -8.39 -18.27 28.09
CA LEU D 16 -7.98 -17.58 29.30
C LEU D 16 -6.44 -17.64 29.34
N ASN D 17 -5.82 -16.61 29.88
CA ASN D 17 -4.40 -16.60 30.13
C ASN D 17 -4.24 -16.36 31.60
N VAL D 18 -3.73 -17.37 32.28
CA VAL D 18 -3.42 -17.22 33.71
C VAL D 18 -2.01 -17.66 34.00
N LEU D 19 -1.45 -17.24 35.11
CA LEU D 19 -0.06 -17.60 35.50
C LEU D 19 0.02 -18.89 36.28
N ALA D 20 1.11 -19.62 36.12
CA ALA D 20 1.28 -20.87 36.86
C ALA D 20 2.28 -20.64 37.96
N GLY D 21 1.97 -21.15 39.15
CA GLY D 21 2.89 -21.09 40.30
C GLY D 21 4.01 -22.15 40.25
N SER D 22 3.76 -23.22 39.50
CA SER D 22 4.58 -24.44 39.49
C SER D 22 4.04 -25.37 38.39
N VAL D 23 4.78 -26.39 38.08
CA VAL D 23 4.35 -27.37 37.16
C VAL D 23 3.06 -28.05 37.60
N ASP D 24 3.01 -28.57 38.83
CA ASP D 24 1.77 -29.09 39.37
C ASP D 24 0.60 -28.10 39.23
N ASN D 25 0.83 -26.83 39.51
CA ASN D 25 -0.23 -25.83 39.41
C ASN D 25 -0.68 -25.76 37.92
N ALA D 26 0.24 -25.93 36.98
CA ALA D 26 -0.15 -25.84 35.57
C ALA D 26 -0.99 -27.04 35.21
N ALA D 27 -0.67 -28.22 35.76
CA ALA D 27 -1.48 -29.43 35.50
C ALA D 27 -2.95 -29.21 35.91
N ASP D 28 -3.14 -28.67 37.12
CA ASP D 28 -4.48 -28.38 37.65
C ASP D 28 -5.27 -27.25 36.93
N ILE D 29 -4.58 -26.16 36.59
CA ILE D 29 -5.15 -25.06 35.83
C ILE D 29 -5.77 -25.54 34.52
N TYR D 30 -5.03 -26.37 33.82
CA TYR D 30 -5.40 -26.89 32.52
C TYR D 30 -6.58 -27.85 32.60
N ASP D 31 -6.69 -28.58 33.72
CA ASP D 31 -7.88 -29.39 34.01
C ASP D 31 -9.07 -28.49 34.26
N ALA D 32 -8.90 -27.57 35.19
CA ALA D 32 -9.94 -26.64 35.59
C ALA D 32 -10.58 -25.93 34.41
N ALA D 33 -9.76 -25.52 33.44
CA ALA D 33 -10.27 -24.76 32.28
C ALA D 33 -10.71 -25.68 31.13
N GLU D 34 -10.54 -26.98 31.30
CA GLU D 34 -10.79 -27.97 30.26
C GLU D 34 -10.05 -27.58 29.01
N GLY D 35 -8.78 -27.24 29.12
CA GLY D 35 -7.98 -26.91 27.93
C GLY D 35 -8.04 -25.45 27.48
N HIS D 36 -9.11 -24.74 27.79
CA HIS D 36 -9.32 -23.39 27.26
C HIS D 36 -8.52 -22.33 28.03
N VAL D 37 -7.22 -22.59 28.06
CA VAL D 37 -6.26 -21.76 28.79
C VAL D 37 -4.86 -21.71 28.14
N LEU D 38 -4.16 -20.63 28.46
CA LEU D 38 -2.74 -20.51 28.19
C LEU D 38 -2.06 -20.29 29.53
N VAL D 39 -1.07 -21.09 29.88
CA VAL D 39 -0.43 -20.90 31.17
C VAL D 39 0.89 -20.10 31.08
N GLY D 40 0.93 -19.00 31.81
CA GLY D 40 2.02 -18.02 31.79
C GLY D 40 3.17 -18.45 32.70
N VAL D 41 4.34 -18.50 32.09
CA VAL D 41 5.60 -18.70 32.77
C VAL D 41 6.46 -17.46 32.45
N LEU D 42 7.03 -16.84 33.48
CA LEU D 42 7.74 -15.57 33.37
C LEU D 42 9.28 -15.74 33.11
N SER D 43 9.77 -15.03 32.11
CA SER D 43 11.18 -15.06 31.79
C SER D 43 12.02 -14.50 32.96
N LYS D 44 11.47 -13.50 33.64
CA LYS D 44 12.14 -12.87 34.79
C LYS D 44 12.39 -13.82 35.97
N ASN D 45 11.72 -14.95 36.00
CA ASN D 45 11.98 -15.91 37.03
C ASN D 45 13.17 -16.81 36.77
N TYR D 46 13.92 -16.58 35.68
CA TYR D 46 15.08 -17.45 35.32
C TYR D 46 16.32 -16.59 35.03
N PRO D 47 17.52 -17.12 35.24
CA PRO D 47 18.78 -16.36 35.11
C PRO D 47 19.28 -16.24 33.69
N ASP D 48 18.80 -17.14 32.84
CA ASP D 48 19.25 -17.17 31.47
C ASP D 48 18.29 -17.92 30.58
N VAL D 49 18.55 -17.84 29.29
CA VAL D 49 17.63 -18.47 28.32
C VAL D 49 17.57 -19.99 28.54
N ASP D 50 18.74 -20.67 28.61
CA ASP D 50 18.73 -22.13 28.71
C ASP D 50 17.94 -22.72 29.92
N THR D 51 18.05 -22.06 31.07
CA THR D 51 17.38 -22.49 32.27
C THR D 51 15.87 -22.32 32.07
N ALA D 52 15.45 -21.25 31.44
CA ALA D 52 14.02 -21.03 31.20
C ALA D 52 13.50 -22.06 30.21
N VAL D 53 14.30 -22.35 29.19
CA VAL D 53 13.90 -23.32 28.11
C VAL D 53 13.65 -24.69 28.77
N GLU D 54 14.64 -25.14 29.52
CA GLU D 54 14.58 -26.45 30.18
C GLU D 54 13.39 -26.57 31.16
N ASP D 55 13.13 -25.53 31.94
CA ASP D 55 11.96 -25.52 32.81
C ASP D 55 10.69 -25.51 32.02
N MSE D 56 10.63 -24.73 30.97
CA MSE D 56 9.40 -24.65 30.21
C MSE D 56 9.03 -25.98 29.50
O MSE D 56 7.87 -26.28 29.38
CB MSE D 56 9.42 -23.42 29.27
CG MSE D 56 8.65 -22.20 29.90
SE MSE D 56 9.11 -20.48 29.04
CE MSE D 56 9.23 -19.16 30.51
N LYS D 57 10.00 -26.77 29.04
CA LYS D 57 9.76 -28.17 28.65
C LYS D 57 8.68 -28.85 29.55
N LYS D 58 8.88 -28.69 30.85
CA LYS D 58 8.05 -29.33 31.86
C LYS D 58 6.63 -28.79 31.88
N TYR D 59 6.46 -27.49 31.71
CA TYR D 59 5.12 -26.92 31.69
C TYR D 59 4.40 -27.31 30.41
N SER D 60 5.17 -27.41 29.33
CA SER D 60 4.67 -27.85 28.06
C SER D 60 4.21 -29.35 28.15
N GLU D 61 4.97 -30.19 28.87
CA GLU D 61 4.62 -31.59 29.09
C GLU D 61 3.19 -31.74 29.63
N VAL D 62 2.81 -30.96 30.62
CA VAL D 62 1.54 -31.20 31.33
C VAL D 62 0.39 -30.30 30.87
N THR D 63 0.58 -29.62 29.74
CA THR D 63 -0.46 -28.78 29.10
C THR D 63 -0.56 -28.96 27.56
N ASN D 64 0.13 -29.96 27.00
CA ASN D 64 0.22 -30.12 25.56
C ASN D 64 0.56 -28.76 24.95
N ASN D 65 1.56 -28.11 25.53
CA ASN D 65 2.11 -26.86 25.01
C ASN D 65 1.19 -25.64 25.07
N ALA D 66 0.19 -25.63 25.96
CA ALA D 66 -0.60 -24.41 26.21
C ALA D 66 0.17 -23.45 27.13
N VAL D 67 1.30 -22.97 26.62
CA VAL D 67 2.25 -22.14 27.36
C VAL D 67 2.38 -20.76 26.73
N SER D 68 2.39 -19.77 27.62
CA SER D 68 2.54 -18.38 27.32
C SER D 68 3.86 -17.86 27.97
N VAL D 69 4.79 -17.48 27.13
CA VAL D 69 6.06 -17.03 27.59
C VAL D 69 5.87 -15.57 27.87
N GLY D 70 6.09 -15.18 29.14
CA GLY D 70 5.83 -13.83 29.63
C GLY D 70 7.10 -13.03 29.91
N LEU D 71 6.94 -11.72 29.95
CA LEU D 71 8.04 -10.83 30.24
C LEU D 71 8.37 -10.94 31.75
N GLY D 72 7.40 -10.53 32.56
CA GLY D 72 7.55 -10.62 33.99
C GLY D 72 7.70 -9.25 34.59
N ALA D 73 6.78 -8.91 35.50
CA ALA D 73 6.83 -7.64 36.26
C ALA D 73 6.51 -6.43 35.38
N GLY D 74 6.01 -6.67 34.16
CA GLY D 74 5.89 -5.60 33.15
C GLY D 74 7.25 -5.02 32.76
N ASP D 75 8.27 -5.87 32.67
CA ASP D 75 9.63 -5.41 32.44
C ASP D 75 10.03 -5.53 30.93
N PRO D 76 10.04 -4.40 30.21
CA PRO D 76 10.31 -4.45 28.77
C PRO D 76 11.76 -4.93 28.49
N ASN D 77 12.64 -4.84 29.50
CA ASN D 77 14.00 -5.29 29.32
C ASN D 77 14.09 -6.81 29.20
N GLN D 78 12.98 -7.52 29.48
CA GLN D 78 12.90 -8.95 29.22
C GLN D 78 12.53 -9.32 27.74
N SER D 79 12.29 -8.34 26.91
CA SER D 79 11.83 -8.56 25.53
C SER D 79 12.73 -9.48 24.75
N MSE D 80 14.05 -9.19 24.66
CA MSE D 80 14.96 -10.06 23.90
C MSE D 80 15.05 -11.49 24.47
O MSE D 80 15.06 -12.47 23.72
CB MSE D 80 16.33 -9.45 23.76
CG MSE D 80 17.32 -10.31 22.97
SE MSE D 80 16.61 -10.77 21.16
CE MSE D 80 18.33 -11.25 20.14
N MSE D 81 15.03 -11.61 25.78
CA MSE D 81 15.03 -12.90 26.42
C MSE D 81 13.79 -13.70 26.07
O MSE D 81 13.89 -14.85 25.77
CB MSE D 81 15.13 -12.77 27.95
CG MSE D 81 15.38 -14.13 28.58
SE MSE D 81 15.94 -13.99 30.47
CE MSE D 81 15.51 -15.77 31.11
N VAL D 82 12.64 -13.07 26.10
CA VAL D 82 11.41 -13.70 25.64
C VAL D 82 11.44 -14.18 24.20
N SER D 83 11.98 -13.40 23.26
CA SER D 83 12.12 -13.82 21.91
C SER D 83 13.05 -15.02 21.78
N LEU D 84 14.22 -15.03 22.47
CA LEU D 84 15.15 -16.13 22.43
C LEU D 84 14.61 -17.40 23.11
N ILE D 85 13.95 -17.27 24.25
CA ILE D 85 13.26 -18.42 24.88
C ILE D 85 12.27 -19.03 23.92
N SER D 86 11.43 -18.18 23.36
CA SER D 86 10.35 -18.64 22.54
C SER D 86 10.87 -19.34 21.25
N GLN D 87 11.98 -18.91 20.73
CA GLN D 87 12.63 -19.59 19.62
C GLN D 87 12.79 -21.07 19.94
N HIS D 88 13.29 -21.38 21.13
CA HIS D 88 13.60 -22.77 21.51
C HIS D 88 12.43 -23.53 22.08
N VAL D 89 11.57 -22.84 22.80
CA VAL D 89 10.38 -23.44 23.35
C VAL D 89 9.29 -23.71 22.32
N GLN D 90 9.16 -22.87 21.31
CA GLN D 90 8.06 -22.98 20.35
C GLN D 90 6.71 -23.10 21.08
N PRO D 91 6.35 -22.06 21.82
CA PRO D 91 5.11 -22.02 22.55
C PRO D 91 3.90 -21.64 21.70
N GLN D 92 2.72 -21.81 22.28
CA GLN D 92 1.49 -21.35 21.68
C GLN D 92 1.31 -19.85 21.78
N HIS D 93 1.91 -19.21 22.77
CA HIS D 93 1.65 -17.84 22.99
C HIS D 93 2.91 -17.12 23.46
N ILE D 94 3.08 -15.88 23.01
CA ILE D 94 4.26 -15.07 23.33
C ILE D 94 3.81 -13.71 23.69
N ASN D 95 4.23 -13.19 24.83
CA ASN D 95 3.90 -11.85 25.21
C ASN D 95 5.04 -10.96 24.70
N GLN D 96 4.73 -9.83 24.10
CA GLN D 96 5.80 -8.88 23.73
C GLN D 96 5.40 -7.44 23.91
N VAL D 97 6.42 -6.62 23.96
CA VAL D 97 6.25 -5.24 23.89
C VAL D 97 6.22 -4.88 22.42
N PHE D 98 5.81 -3.66 22.13
CA PHE D 98 5.58 -3.24 20.72
C PHE D 98 6.81 -3.42 19.86
N THR D 99 7.95 -3.05 20.38
CA THR D 99 9.22 -3.19 19.69
C THR D 99 9.86 -4.59 19.66
N GLY D 100 9.16 -5.58 20.19
CA GLY D 100 9.64 -6.94 20.14
C GLY D 100 8.81 -7.92 19.36
N VAL D 101 7.67 -7.47 18.88
CA VAL D 101 6.75 -8.33 18.07
C VAL D 101 7.39 -8.95 16.87
N ALA D 102 8.08 -8.16 16.03
CA ALA D 102 8.72 -8.66 14.85
C ALA D 102 9.87 -9.62 15.15
N THR D 103 10.68 -9.30 16.18
CA THR D 103 11.81 -10.15 16.58
C THR D 103 11.28 -11.53 17.00
N SER D 104 10.23 -11.54 17.75
CA SER D 104 9.65 -12.81 18.22
C SER D 104 9.06 -13.60 17.09
N ARG D 105 8.31 -12.97 16.18
CA ARG D 105 7.86 -13.67 15.00
C ARG D 105 9.00 -14.21 14.18
N ALA D 106 9.96 -13.37 13.84
CA ALA D 106 11.07 -13.84 13.05
C ALA D 106 11.76 -15.05 13.67
N LEU D 107 12.05 -15.00 14.96
CA LEU D 107 12.80 -16.06 15.57
C LEU D 107 11.94 -17.30 15.87
N ALA D 108 10.64 -17.16 15.93
CA ALA D 108 9.76 -18.33 16.11
C ALA D 108 9.73 -19.18 14.89
N GLY D 109 9.89 -18.56 13.70
CA GLY D 109 10.06 -19.30 12.48
C GLY D 109 8.74 -19.85 11.93
N GLN D 110 7.59 -19.35 12.41
CA GLN D 110 6.29 -19.78 11.92
C GLN D 110 5.23 -18.77 12.33
N ASP D 111 4.04 -18.88 11.74
CA ASP D 111 3.02 -17.89 11.98
C ASP D 111 1.94 -18.40 12.87
N LYS D 112 2.13 -19.59 13.46
CA LYS D 112 1.12 -20.15 14.35
C LYS D 112 1.17 -19.66 15.80
N SER D 113 2.36 -19.47 16.38
CA SER D 113 2.38 -18.94 17.75
C SER D 113 1.74 -17.58 17.77
N ILE D 114 0.90 -17.31 18.79
CA ILE D 114 0.27 -15.99 18.94
C ILE D 114 1.33 -15.03 19.49
N VAL D 115 1.68 -13.96 18.74
CA VAL D 115 2.58 -12.93 19.29
C VAL D 115 1.75 -11.70 19.59
N ASN D 116 1.56 -11.35 20.87
CA ASN D 116 0.81 -10.14 21.21
C ASN D 116 1.74 -8.94 21.25
N GLY D 117 1.16 -7.75 21.29
CA GLY D 117 1.98 -6.54 21.31
C GLY D 117 1.34 -5.58 22.26
N LEU D 118 2.12 -5.14 23.26
CA LEU D 118 1.67 -4.29 24.30
C LEU D 118 1.46 -2.87 23.78
N ILE D 119 0.21 -2.40 23.85
CA ILE D 119 -0.10 -0.98 23.70
C ILE D 119 -0.95 -0.49 24.89
N SER D 120 -0.90 0.80 25.19
CA SER D 120 -1.47 1.30 26.43
C SER D 120 -2.46 2.46 26.28
N PRO D 121 -3.34 2.64 27.27
CA PRO D 121 -4.29 3.73 27.12
C PRO D 121 -3.57 5.06 27.32
N THR D 122 -4.19 6.16 26.88
CA THR D 122 -3.57 7.49 26.93
C THR D 122 -4.39 8.57 27.69
N GLY D 123 -5.63 8.27 28.05
CA GLY D 123 -6.56 9.33 28.49
C GLY D 123 -7.39 9.98 27.37
N THR D 124 -7.05 9.72 26.11
CA THR D 124 -7.82 10.14 24.92
C THR D 124 -8.34 8.93 24.15
N VAL D 125 -9.66 8.85 24.01
CA VAL D 125 -10.33 7.77 23.29
C VAL D 125 -9.85 7.73 21.82
N GLY D 126 -9.52 6.52 21.33
CA GLY D 126 -9.06 6.32 19.96
C GLY D 126 -7.55 6.45 19.74
N MSE D 127 -6.83 6.88 20.77
CA MSE D 127 -5.40 7.07 20.73
C MSE D 127 -4.69 6.12 21.72
O MSE D 127 -5.17 5.92 22.82
CB MSE D 127 -5.04 8.50 21.09
CG MSE D 127 -5.70 9.56 20.19
SE MSE D 127 -5.10 9.57 18.29
CE MSE D 127 -3.37 10.49 18.48
N VAL D 128 -3.55 5.59 21.33
CA VAL D 128 -2.86 4.60 22.15
C VAL D 128 -1.38 4.84 22.18
N LYS D 129 -0.77 4.36 23.26
CA LYS D 129 0.67 4.49 23.48
C LYS D 129 1.38 3.26 22.98
N ILE D 130 2.33 3.44 22.08
CA ILE D 130 3.06 2.30 21.49
C ILE D 130 4.54 2.27 21.80
N SER D 131 5.05 3.27 22.53
CA SER D 131 6.50 3.29 22.94
C SER D 131 6.63 2.49 24.20
N THR D 132 6.55 1.19 24.07
CA THR D 132 6.49 0.32 25.20
C THR D 132 7.74 -0.57 25.35
N GLY D 133 8.77 -0.30 24.53
CA GLY D 133 10.01 -1.04 24.55
C GLY D 133 11.04 -0.62 25.62
N PRO D 134 12.19 -1.29 25.67
CA PRO D 134 13.21 -1.00 26.68
C PRO D 134 13.56 0.49 26.78
N LEU D 135 14.01 1.10 25.69
CA LEU D 135 14.37 2.51 25.68
C LEU D 135 13.18 3.41 25.42
N SER D 136 12.30 2.99 24.51
CA SER D 136 11.22 3.81 24.11
C SER D 136 10.28 4.06 25.28
N SER D 137 10.24 3.12 26.23
CA SER D 137 9.39 3.25 27.40
C SER D 137 9.86 4.42 28.28
N ARG D 138 11.13 4.80 28.19
CA ARG D 138 11.67 5.95 28.97
C ARG D 138 11.56 7.30 28.22
N SER D 139 11.25 7.27 26.93
CA SER D 139 11.07 8.47 26.12
C SER D 139 9.68 9.07 26.21
N GLU D 140 9.56 10.25 25.65
CA GLU D 140 8.27 10.92 25.47
C GLU D 140 7.28 10.00 24.74
N ASP D 141 6.07 9.91 25.24
CA ASP D 141 5.10 8.96 24.70
C ASP D 141 4.84 9.06 23.15
N ALA D 142 4.91 7.91 22.46
CA ALA D 142 4.46 7.78 21.08
C ALA D 142 3.01 7.41 21.19
N ILE D 143 2.15 8.37 20.81
CA ILE D 143 0.70 8.27 20.83
C ILE D 143 0.13 8.30 19.42
N VAL D 144 -0.63 7.28 19.04
CA VAL D 144 -1.03 7.13 17.63
C VAL D 144 -2.43 6.62 17.56
N PRO D 145 -3.08 6.82 16.39
CA PRO D 145 -4.40 6.29 16.23
C PRO D 145 -4.41 4.82 16.45
N VAL D 146 -5.41 4.33 17.17
CA VAL D 146 -5.48 2.89 17.42
C VAL D 146 -5.37 2.06 16.15
N GLU D 147 -6.04 2.52 15.13
CA GLU D 147 -6.14 1.83 13.86
C GLU D 147 -4.75 1.62 13.23
N THR D 148 -3.96 2.69 13.34
CA THR D 148 -2.59 2.67 12.79
C THR D 148 -1.70 1.74 13.62
N ALA D 149 -1.81 1.83 14.97
CA ALA D 149 -1.17 0.86 15.87
C ALA D 149 -1.41 -0.54 15.46
N ILE D 150 -2.68 -0.90 15.21
CA ILE D 150 -3.03 -2.24 14.77
C ILE D 150 -2.36 -2.58 13.44
N ALA D 151 -2.34 -1.61 12.51
CA ALA D 151 -1.76 -1.90 11.16
C ALA D 151 -0.26 -2.18 11.28
N MSE D 152 0.38 -1.46 12.17
CA MSE D 152 1.81 -1.64 12.44
C MSE D 152 2.06 -2.98 13.09
O MSE D 152 2.97 -3.71 12.66
CB MSE D 152 2.37 -0.56 13.29
CG MSE D 152 2.47 0.75 12.55
SE MSE D 152 2.90 2.31 13.58
CE MSE D 152 4.79 2.02 13.57
N LEU D 153 1.19 -3.37 14.04
CA LEU D 153 1.39 -4.66 14.65
C LEU D 153 1.29 -5.76 13.59
N LYS D 154 0.31 -5.68 12.67
CA LYS D 154 0.13 -6.63 11.58
C LYS D 154 1.36 -6.69 10.64
N ASP D 155 1.86 -5.52 10.27
CA ASP D 155 3.04 -5.42 9.48
C ASP D 155 4.23 -6.13 10.14
N MSE D 156 4.30 -6.07 11.48
CA MSE D 156 5.41 -6.66 12.23
C MSE D 156 5.20 -8.14 12.60
O MSE D 156 6.02 -8.79 13.27
CB MSE D 156 5.62 -5.81 13.45
CG MSE D 156 6.29 -4.46 13.06
SE MSE D 156 6.70 -3.27 14.52
CE MSE D 156 5.14 -3.73 15.65
N GLY D 157 4.08 -8.69 12.19
CA GLY D 157 3.91 -10.11 12.31
C GLY D 157 3.17 -10.46 13.58
N GLY D 158 2.55 -9.46 14.18
CA GLY D 158 1.77 -9.65 15.37
C GLY D 158 0.43 -10.30 15.15
N SER D 159 -0.08 -10.85 16.24
CA SER D 159 -1.35 -11.58 16.27
C SER D 159 -2.44 -10.79 16.96
N SER D 160 -2.10 -10.01 17.99
CA SER D 160 -3.05 -9.40 18.82
C SER D 160 -2.52 -8.18 19.55
N VAL D 161 -3.43 -7.38 20.06
CA VAL D 161 -3.20 -6.25 20.87
C VAL D 161 -3.32 -6.78 22.28
N LYS D 162 -2.28 -6.53 23.10
CA LYS D 162 -2.37 -6.68 24.55
C LYS D 162 -2.58 -5.30 25.06
N TYR D 163 -3.74 -5.04 25.63
CA TYR D 163 -4.05 -3.72 26.09
C TYR D 163 -3.85 -3.60 27.62
N PHE D 164 -2.88 -2.78 28.04
CA PHE D 164 -2.42 -2.70 29.44
C PHE D 164 -1.80 -1.35 29.70
N PRO D 165 -1.99 -0.77 30.92
CA PRO D 165 -2.82 -1.26 32.02
C PRO D 165 -4.23 -0.74 31.96
N MSE D 166 -5.20 -1.63 31.91
CA MSE D 166 -6.61 -1.23 31.84
C MSE D 166 -7.20 -0.72 33.15
O MSE D 166 -8.15 0.05 33.13
CB MSE D 166 -7.45 -2.41 31.44
CG MSE D 166 -7.46 -2.66 29.96
SE MSE D 166 -8.73 -4.05 29.51
CE MSE D 166 -8.71 -5.08 31.20
N GLY D 167 -6.66 -1.13 34.27
CA GLY D 167 -7.22 -0.79 35.57
C GLY D 167 -8.66 -1.29 35.61
N GLY D 168 -8.87 -2.54 35.25
CA GLY D 168 -10.18 -3.12 35.28
C GLY D 168 -11.08 -2.36 34.35
N LEU D 169 -12.01 -1.60 34.93
CA LEU D 169 -12.98 -0.82 34.18
C LEU D 169 -12.72 0.69 34.15
N GLU D 170 -11.69 1.13 34.86
CA GLU D 170 -11.35 2.55 34.95
C GLU D 170 -11.01 3.22 33.60
N THR D 171 -10.72 2.42 32.56
CA THR D 171 -10.49 2.97 31.20
C THR D 171 -11.56 2.53 30.19
N ARG D 172 -12.72 2.12 30.68
CA ARG D 172 -13.81 1.53 29.87
C ARG D 172 -14.05 2.18 28.49
N GLU D 173 -14.02 3.51 28.45
CA GLU D 173 -14.33 4.23 27.22
C GLU D 173 -13.22 3.98 26.20
N GLU D 174 -11.97 4.18 26.60
CA GLU D 174 -10.82 3.92 25.71
C GLU D 174 -10.81 2.47 25.20
N PHE D 175 -11.16 1.54 26.12
CA PHE D 175 -11.23 0.08 25.81
C PHE D 175 -12.23 -0.28 24.77
N ALA D 176 -13.42 0.31 24.86
CA ALA D 176 -14.49 0.00 23.91
C ALA D 176 -14.04 0.42 22.49
N CYS D 177 -13.41 1.58 22.41
CA CYS D 177 -12.89 2.07 21.14
C CYS D 177 -11.72 1.19 20.63
N VAL D 178 -10.79 0.75 21.49
CA VAL D 178 -9.79 -0.26 21.05
C VAL D 178 -10.43 -1.53 20.55
N ALA D 179 -11.46 -1.98 21.24
CA ALA D 179 -12.12 -3.25 20.87
C ALA D 179 -12.82 -3.16 19.49
N LYS D 180 -13.48 -2.04 19.27
CA LYS D 180 -14.19 -1.80 17.98
C LYS D 180 -13.15 -1.80 16.86
N ALA D 181 -12.00 -1.18 17.14
CA ALA D 181 -10.97 -1.08 16.12
C ALA D 181 -10.41 -2.44 15.78
N CYS D 182 -10.33 -3.31 16.77
CA CYS D 182 -9.77 -4.66 16.55
C CYS D 182 -10.77 -5.51 15.78
N ALA D 183 -12.05 -5.31 16.08
CA ALA D 183 -13.13 -5.95 15.30
C ALA D 183 -13.07 -5.45 13.85
N ASP D 184 -13.03 -4.13 13.66
CA ASP D 184 -13.07 -3.55 12.29
C ASP D 184 -11.87 -4.08 11.49
N LYS D 185 -10.69 -4.14 12.08
CA LYS D 185 -9.48 -4.59 11.36
C LYS D 185 -9.23 -6.09 11.46
N ASP D 186 -10.17 -6.85 12.00
CA ASP D 186 -10.01 -8.32 12.09
C ASP D 186 -8.79 -8.78 12.93
N PHE D 187 -8.59 -8.15 14.09
CA PHE D 187 -7.39 -8.45 14.92
C PHE D 187 -7.91 -8.88 16.27
N TRP D 188 -7.04 -9.58 16.99
CA TRP D 188 -7.37 -10.12 18.36
C TRP D 188 -7.02 -9.18 19.49
N LEU D 189 -7.62 -9.46 20.68
CA LEU D 189 -7.53 -8.49 21.77
C LEU D 189 -7.26 -9.24 23.07
N GLU D 190 -6.39 -8.68 23.90
CA GLU D 190 -5.92 -9.33 25.14
C GLU D 190 -6.02 -8.32 26.22
N PRO D 191 -7.20 -8.26 26.83
CA PRO D 191 -7.38 -7.29 27.88
C PRO D 191 -6.56 -7.66 29.08
N THR D 192 -5.90 -6.69 29.68
CA THR D 192 -4.98 -6.98 30.79
C THR D 192 -4.86 -5.81 31.79
N GLY D 193 -5.01 -6.13 33.09
CA GLY D 193 -4.74 -5.14 34.15
C GLY D 193 -5.99 -4.86 34.96
N GLY D 194 -6.00 -5.30 36.22
CA GLY D 194 -7.13 -5.01 37.12
C GLY D 194 -8.35 -5.90 36.90
N ILE D 195 -8.21 -7.02 36.18
CA ILE D 195 -9.34 -7.93 35.93
C ILE D 195 -9.53 -8.88 37.11
N ASP D 196 -10.76 -8.91 37.65
CA ASP D 196 -11.08 -9.89 38.68
C ASP D 196 -12.37 -10.66 38.38
N LEU D 197 -12.77 -11.49 39.32
CA LEU D 197 -14.07 -12.15 39.22
C LEU D 197 -15.25 -11.14 39.23
N GLU D 198 -15.09 -10.00 39.91
CA GLU D 198 -16.16 -9.00 40.06
C GLU D 198 -16.45 -8.22 38.78
N ASN D 199 -15.44 -8.03 37.93
CA ASN D 199 -15.59 -7.15 36.79
C ASN D 199 -15.33 -7.86 35.46
N TYR D 200 -15.15 -9.17 35.47
CA TYR D 200 -14.79 -9.94 34.26
C TYR D 200 -15.89 -9.92 33.26
N GLU D 201 -17.08 -10.35 33.66
CA GLU D 201 -18.20 -10.48 32.73
C GLU D 201 -18.46 -9.17 32.00
N GLU D 202 -18.38 -8.05 32.71
CA GLU D 202 -18.64 -6.73 32.14
C GLU D 202 -17.51 -6.24 31.23
N ILE D 203 -16.29 -6.69 31.49
CA ILE D 203 -15.19 -6.27 30.64
C ILE D 203 -15.29 -7.01 29.33
N MSE D 204 -15.55 -8.31 29.41
CA MSE D 204 -15.64 -9.13 28.22
C MSE D 204 -16.86 -8.66 27.40
O MSE D 204 -16.80 -8.61 26.20
CB MSE D 204 -15.80 -10.60 28.56
CG MSE D 204 -14.63 -11.23 29.27
SE MSE D 204 -13.05 -11.15 28.15
CE MSE D 204 -12.98 -12.94 27.31
N GLN D 205 -17.95 -8.31 28.06
CA GLN D 205 -19.16 -7.95 27.29
C GLN D 205 -18.85 -6.76 26.34
N ILE D 206 -18.04 -5.81 26.82
CA ILE D 206 -17.64 -4.66 26.03
C ILE D 206 -16.91 -5.12 24.77
N ALA D 207 -16.01 -6.08 24.94
CA ALA D 207 -15.28 -6.70 23.82
C ALA D 207 -16.16 -7.56 22.91
N LEU D 208 -17.07 -8.28 23.53
CA LEU D 208 -17.99 -9.18 22.81
C LEU D 208 -19.01 -8.45 21.94
N ASP D 209 -19.53 -7.34 22.48
CA ASP D 209 -20.46 -6.48 21.77
C ASP D 209 -19.82 -5.79 20.59
N ALA D 210 -18.54 -5.43 20.73
CA ALA D 210 -17.80 -4.83 19.60
C ALA D 210 -17.50 -5.86 18.50
N GLY D 211 -17.53 -7.14 18.82
CA GLY D 211 -17.44 -8.18 17.81
C GLY D 211 -16.03 -8.64 17.54
N VAL D 212 -15.14 -8.47 18.53
CA VAL D 212 -13.75 -8.94 18.34
C VAL D 212 -13.84 -10.44 18.22
N SER D 213 -13.18 -11.04 17.23
CA SER D 213 -13.35 -12.47 16.95
C SER D 213 -12.64 -13.39 17.92
N LYS D 214 -11.50 -12.94 18.47
CA LYS D 214 -10.81 -13.71 19.53
C LYS D 214 -10.30 -12.83 20.66
N ILE D 215 -10.54 -13.30 21.89
CA ILE D 215 -10.18 -12.57 23.07
C ILE D 215 -9.37 -13.49 24.01
N ILE D 216 -8.33 -12.92 24.61
CA ILE D 216 -7.47 -13.68 25.52
C ILE D 216 -7.33 -12.85 26.73
N PRO D 217 -8.29 -13.01 27.67
CA PRO D 217 -8.18 -12.18 28.85
C PRO D 217 -6.98 -12.66 29.70
N HIS D 218 -6.27 -11.74 30.31
CA HIS D 218 -5.24 -12.07 31.25
C HIS D 218 -5.79 -11.85 32.65
N ILE D 219 -5.82 -12.91 33.43
CA ILE D 219 -6.26 -12.77 34.85
C ILE D 219 -5.12 -13.25 35.75
N TYR D 220 -4.53 -12.33 36.51
CA TYR D 220 -3.32 -12.58 37.23
C TYR D 220 -3.54 -12.59 38.76
N SER D 221 -3.07 -11.56 39.48
CA SER D 221 -3.01 -11.52 40.94
C SER D 221 -4.37 -11.51 41.68
N SER D 222 -5.44 -11.23 40.97
CA SER D 222 -6.77 -11.32 41.56
C SER D 222 -7.17 -12.77 41.81
N ILE D 223 -6.67 -13.70 41.01
CA ILE D 223 -6.97 -15.13 41.22
C ILE D 223 -5.74 -15.96 41.73
N ILE D 224 -4.75 -15.30 42.32
CA ILE D 224 -3.55 -16.00 42.79
C ILE D 224 -3.52 -15.98 44.33
N ASP D 225 -3.53 -17.17 44.89
CA ASP D 225 -3.29 -17.43 46.35
C ASP D 225 -1.86 -16.96 46.74
N LYS D 226 -1.76 -15.80 47.41
CA LYS D 226 -0.43 -15.20 47.71
C LYS D 226 0.45 -16.05 48.62
N ALA D 227 -0.16 -17.01 49.31
CA ALA D 227 0.56 -17.93 50.17
C ALA D 227 1.45 -18.88 49.35
N THR D 228 0.97 -19.33 48.20
CA THR D 228 1.72 -20.29 47.40
C THR D 228 2.27 -19.70 46.10
N GLY D 229 1.79 -18.51 45.70
CA GLY D 229 1.99 -18.04 44.34
C GLY D 229 1.30 -18.90 43.26
N ASN D 230 0.39 -19.80 43.68
CA ASN D 230 -0.42 -20.57 42.75
C ASN D 230 -1.72 -19.84 42.41
N THR D 231 -2.11 -19.95 41.13
CA THR D 231 -3.45 -19.64 40.65
C THR D 231 -4.48 -20.64 41.17
N ARG D 232 -5.55 -20.13 41.77
CA ARG D 232 -6.61 -20.97 42.36
C ARG D 232 -7.34 -21.70 41.25
N PRO D 233 -7.19 -23.04 41.17
CA PRO D 233 -7.86 -23.78 40.11
C PRO D 233 -9.39 -23.73 40.15
N GLU D 234 -9.97 -23.51 41.33
CA GLU D 234 -11.42 -23.34 41.45
C GLU D 234 -11.86 -22.01 40.80
N ASP D 235 -10.97 -21.00 40.81
CA ASP D 235 -11.20 -19.71 40.11
C ASP D 235 -11.09 -19.80 38.57
N VAL D 236 -10.19 -20.65 38.08
CA VAL D 236 -10.13 -20.97 36.68
C VAL D 236 -11.43 -21.65 36.20
N LYS D 237 -12.00 -22.52 37.04
CA LYS D 237 -13.30 -23.13 36.72
C LYS D 237 -14.39 -22.06 36.66
N THR D 238 -14.46 -21.20 37.67
CA THR D 238 -15.44 -20.11 37.69
C THR D 238 -15.34 -19.20 36.44
N LEU D 239 -14.11 -18.86 36.04
CA LEU D 239 -13.91 -18.03 34.84
C LEU D 239 -14.43 -18.69 33.58
N LEU D 240 -14.11 -19.96 33.39
CA LEU D 240 -14.61 -20.73 32.26
C LEU D 240 -16.14 -20.79 32.26
N ASP D 241 -16.73 -20.94 33.45
CA ASP D 241 -18.18 -20.94 33.63
C ASP D 241 -18.78 -19.59 33.24
N MSE D 242 -18.14 -18.51 33.66
CA MSE D 242 -18.58 -17.18 33.27
C MSE D 242 -18.39 -17.00 31.76
O MSE D 242 -19.24 -16.41 31.09
CB MSE D 242 -17.79 -16.10 34.01
CG MSE D 242 -18.06 -16.05 35.49
SE MSE D 242 -17.05 -14.67 36.36
CE MSE D 242 -18.42 -13.30 36.65
N THR D 243 -17.29 -17.54 31.26
CA THR D 243 -17.02 -17.55 29.83
C THR D 243 -18.10 -18.33 29.08
N LYS D 244 -18.48 -19.49 29.60
CA LYS D 244 -19.59 -20.25 29.01
C LYS D 244 -20.92 -19.49 29.03
N LYS D 245 -21.17 -18.69 30.07
CA LYS D 245 -22.39 -17.89 30.16
C LYS D 245 -22.41 -16.78 29.12
N LEU D 246 -21.25 -16.16 28.88
CA LEU D 246 -21.13 -15.05 27.94
C LEU D 246 -21.40 -15.43 26.48
N LEU D 247 -21.16 -16.68 26.11
CA LEU D 247 -21.46 -17.19 24.76
C LEU D 247 -22.73 -18.07 24.72
N LEU D 248 -23.67 -17.81 25.61
CA LEU D 248 -24.91 -18.61 25.67
C LEU D 248 -26.05 -17.81 26.30
MG MG E . -37.75 -14.55 -6.17
MG MG F . -25.19 -3.03 15.59
#